data_1WNF
#
_entry.id   1WNF
#
_cell.length_a   125.230
_cell.length_b   77.140
_cell.length_c   98.460
_cell.angle_alpha   90.00
_cell.angle_beta   90.00
_cell.angle_gamma   90.00
#
_symmetry.space_group_name_H-M   'P 21 21 2'
#
loop_
_entity.id
_entity.type
_entity.pdbx_description
1 polymer L-asparaginase
2 non-polymer 1,2-ETHANEDIOL
3 water water
#
_entity_poly.entity_id   1
_entity_poly.type   'polypeptide(L)'
_entity_poly.pdbx_seq_one_letter_code
;MRILILGMGGTIASVKGERGYESALSVSKILKLAGISSEAKIEARDLMNVDSTLIQPSDWERLAKEIEKEVWEYDGIVIT
HGTDTMAYSASMLSFMLRNPPIPIVLTGSMLPITEKNSDAPFNLRTALEFVKLGIRGIYIAFNGKVMLGVRASKIRSMGF
DAFESINYPNVAEIKDDKLRILHIPDFYGDEFFSDIKYEPKVLVIKLIPGLSGDIVREALRLGYKGIILEGYGVGGIPYR
GTDLFEVVSSISKRIPVVLTTQAIYDGVDLQRYKVGRIALEAGVIPAGDMTKEATITKLMWILGHTKNIEEVKQLMGKNI
TGELTRVS
;
_entity_poly.pdbx_strand_id   A,B
#
loop_
_chem_comp.id
_chem_comp.type
_chem_comp.name
_chem_comp.formula
EDO non-polymer 1,2-ETHANEDIOL 'C2 H6 O2'
#
# COMPACT_ATOMS: atom_id res chain seq x y z
N MET A 1 -35.80 -17.70 8.98
CA MET A 1 -34.67 -16.73 8.90
C MET A 1 -34.36 -16.21 10.31
N ARG A 2 -33.26 -16.72 10.89
CA ARG A 2 -32.81 -16.36 12.23
C ARG A 2 -31.38 -15.82 12.15
N ILE A 3 -31.25 -14.50 12.12
CA ILE A 3 -29.95 -13.86 12.01
C ILE A 3 -29.36 -13.28 13.28
N LEU A 4 -28.07 -13.51 13.48
CA LEU A 4 -27.35 -12.99 14.64
C LEU A 4 -26.52 -11.79 14.17
N ILE A 5 -26.51 -10.72 14.94
CA ILE A 5 -25.75 -9.52 14.59
C ILE A 5 -24.84 -9.10 15.74
N LEU A 6 -23.54 -9.28 15.55
CA LEU A 6 -22.54 -8.94 16.56
C LEU A 6 -21.93 -7.57 16.34
N GLY A 7 -21.72 -6.84 17.42
CA GLY A 7 -21.14 -5.51 17.31
C GLY A 7 -19.72 -5.45 17.83
N MET A 8 -18.83 -4.91 17.01
CA MET A 8 -17.44 -4.78 17.40
C MET A 8 -17.12 -3.32 17.66
N GLY A 9 -18.07 -2.46 17.34
CA GLY A 9 -17.89 -1.03 17.53
C GLY A 9 -17.66 -0.37 16.18
N GLY A 10 -16.69 0.54 16.13
CA GLY A 10 -16.39 1.21 14.88
C GLY A 10 -17.15 2.48 14.57
N THR A 11 -16.76 3.12 13.48
CA THR A 11 -17.37 4.35 13.02
C THR A 11 -18.89 4.26 12.95
N ILE A 12 -19.38 3.13 12.46
CA ILE A 12 -20.81 2.93 12.31
C ILE A 12 -21.53 3.15 13.64
N ALA A 13 -20.79 3.01 14.75
CA ALA A 13 -21.36 3.19 16.08
C ALA A 13 -20.75 4.37 16.83
N SER A 14 -20.19 5.33 16.11
CA SER A 14 -19.57 6.48 16.76
C SER A 14 -20.49 7.69 16.90
N VAL A 15 -20.04 8.66 17.68
CA VAL A 15 -20.78 9.90 17.92
C VAL A 15 -19.76 11.02 17.93
N LYS A 16 -20.06 12.10 17.22
CA LYS A 16 -19.18 13.26 17.11
C LYS A 16 -18.48 13.69 18.40
N GLY A 17 -18.89 13.14 19.53
CA GLY A 17 -18.28 13.47 20.81
C GLY A 17 -17.77 14.90 20.92
N GLU A 18 -16.57 15.07 21.45
CA GLU A 18 -15.98 16.41 21.59
C GLU A 18 -14.54 16.41 21.05
N ARG A 19 -13.81 15.35 21.37
CA ARG A 19 -12.43 15.21 20.94
C ARG A 19 -12.40 14.37 19.66
N GLY A 20 -13.39 14.59 18.80
CA GLY A 20 -13.46 13.85 17.55
C GLY A 20 -14.34 12.62 17.73
N TYR A 21 -14.50 11.85 16.66
CA TYR A 21 -15.31 10.63 16.71
C TYR A 21 -14.79 9.60 17.70
N GLU A 22 -15.69 8.73 18.13
CA GLU A 22 -15.39 7.66 19.07
C GLU A 22 -16.67 6.83 19.22
N SER A 23 -16.58 5.52 19.00
CA SER A 23 -17.74 4.66 19.12
C SER A 23 -18.41 4.75 20.48
N ALA A 24 -19.72 4.55 20.51
CA ALA A 24 -20.49 4.62 21.75
C ALA A 24 -21.84 3.92 21.61
N LEU A 25 -22.45 4.03 20.44
CA LEU A 25 -23.75 3.44 20.17
C LEU A 25 -23.71 1.91 20.23
N SER A 26 -24.82 1.30 20.68
CA SER A 26 -24.89 -0.16 20.79
C SER A 26 -25.48 -0.83 19.55
N VAL A 27 -25.32 -2.14 19.45
CA VAL A 27 -25.81 -2.90 18.31
C VAL A 27 -27.32 -2.84 18.14
N SER A 28 -28.04 -2.76 19.25
CA SER A 28 -29.49 -2.70 19.21
C SER A 28 -29.92 -1.36 18.63
N LYS A 29 -29.35 -0.29 19.18
CA LYS A 29 -29.67 1.06 18.73
C LYS A 29 -29.32 1.25 17.26
N ILE A 30 -28.20 0.69 16.83
CA ILE A 30 -27.77 0.81 15.43
C ILE A 30 -28.81 0.23 14.48
N LEU A 31 -29.29 -0.97 14.79
CA LEU A 31 -30.29 -1.62 13.95
C LEU A 31 -31.54 -0.75 13.78
N LYS A 32 -32.20 -0.44 14.89
CA LYS A 32 -33.41 0.38 14.88
C LYS A 32 -33.17 1.69 14.14
N LEU A 33 -32.00 2.28 14.38
CA LEU A 33 -31.62 3.54 13.77
C LEU A 33 -31.20 3.36 12.31
N ALA A 34 -31.70 2.30 11.67
CA ALA A 34 -31.37 2.01 10.28
C ALA A 34 -32.58 1.44 9.56
N GLY A 35 -33.77 1.82 10.02
CA GLY A 35 -34.99 1.33 9.40
C GLY A 35 -34.94 -0.18 9.22
N ILE A 36 -34.84 -0.90 10.34
CA ILE A 36 -34.78 -2.35 10.28
C ILE A 36 -34.97 -2.95 11.68
N SER A 37 -36.15 -3.52 11.93
CA SER A 37 -36.47 -4.15 13.21
C SER A 37 -37.61 -5.15 13.07
N ALA A 40 -38.31 -10.66 9.48
CA ALA A 40 -37.15 -11.57 9.78
C ALA A 40 -36.78 -11.56 11.26
N LYS A 41 -36.48 -12.73 11.80
CA LYS A 41 -36.09 -12.85 13.20
C LYS A 41 -34.60 -12.58 13.37
N ILE A 42 -34.28 -11.41 13.91
CA ILE A 42 -32.90 -11.02 14.14
C ILE A 42 -32.59 -11.03 15.63
N GLU A 43 -31.36 -10.73 15.99
CA GLU A 43 -30.94 -10.69 17.38
C GLU A 43 -29.58 -10.02 17.43
N ALA A 44 -29.44 -9.00 18.26
CA ALA A 44 -28.18 -8.27 18.38
C ALA A 44 -27.45 -8.57 19.68
N ARG A 45 -26.12 -8.56 19.61
CA ARG A 45 -25.29 -8.83 20.77
C ARG A 45 -23.97 -8.08 20.62
N ASP A 46 -23.52 -7.43 21.69
CA ASP A 46 -22.27 -6.68 21.64
C ASP A 46 -21.10 -7.47 22.24
N LEU A 47 -20.04 -7.65 21.46
CA LEU A 47 -18.87 -8.34 21.97
C LEU A 47 -17.96 -7.26 22.54
N MET A 48 -18.00 -6.09 21.92
CA MET A 48 -17.22 -4.94 22.36
C MET A 48 -17.63 -3.67 21.61
N ASN A 49 -16.97 -2.57 21.95
CA ASN A 49 -17.26 -1.30 21.30
C ASN A 49 -15.95 -0.54 21.18
N VAL A 50 -14.99 -1.17 20.53
CA VAL A 50 -13.66 -0.61 20.34
C VAL A 50 -13.63 0.56 19.36
N ASP A 51 -12.83 1.57 19.70
CA ASP A 51 -12.69 2.77 18.88
C ASP A 51 -12.22 2.48 17.46
N SER A 52 -11.75 3.54 16.79
CA SER A 52 -11.31 3.47 15.40
C SER A 52 -10.16 2.55 14.94
N THR A 53 -9.17 2.29 15.78
CA THR A 53 -8.05 1.43 15.34
C THR A 53 -7.45 0.60 16.47
N LEU A 54 -8.21 0.37 17.53
CA LEU A 54 -7.72 -0.37 18.69
C LEU A 54 -7.91 -1.88 18.68
N ILE A 55 -8.43 -2.44 17.59
CA ILE A 55 -8.61 -3.88 17.53
C ILE A 55 -7.25 -4.56 17.65
N GLN A 56 -7.21 -5.73 18.27
CA GLN A 56 -5.99 -6.48 18.42
C GLN A 56 -6.25 -7.99 18.26
N PRO A 57 -5.22 -8.76 17.91
CA PRO A 57 -5.32 -10.21 17.71
C PRO A 57 -6.18 -10.98 18.72
N SER A 58 -6.12 -10.57 19.99
CA SER A 58 -6.90 -11.21 21.06
C SER A 58 -8.39 -11.16 20.68
N ASP A 59 -8.82 -10.00 20.21
CA ASP A 59 -10.22 -9.81 19.82
C ASP A 59 -10.64 -10.77 18.70
N TRP A 60 -9.71 -11.16 17.84
CA TRP A 60 -10.04 -12.07 16.74
C TRP A 60 -10.38 -13.45 17.30
N GLU A 61 -9.77 -13.80 18.43
CA GLU A 61 -10.02 -15.08 19.06
C GLU A 61 -11.40 -15.07 19.74
N ARG A 62 -11.70 -13.99 20.44
CA ARG A 62 -12.98 -13.86 21.12
C ARG A 62 -14.09 -13.93 20.10
N LEU A 63 -13.95 -13.16 19.01
CA LEU A 63 -14.95 -13.15 17.95
C LEU A 63 -15.09 -14.52 17.31
N ALA A 64 -13.97 -15.21 17.14
CA ALA A 64 -13.95 -16.53 16.53
C ALA A 64 -14.71 -17.58 17.35
N LYS A 65 -14.49 -17.60 18.65
CA LYS A 65 -15.15 -18.56 19.54
C LYS A 65 -16.61 -18.20 19.74
N GLU A 66 -16.88 -16.90 19.80
CA GLU A 66 -18.22 -16.38 19.99
C GLU A 66 -19.07 -16.73 18.77
N ILE A 67 -18.41 -16.94 17.62
CA ILE A 67 -19.10 -17.28 16.38
C ILE A 67 -19.23 -18.80 16.24
N GLU A 68 -18.23 -19.51 16.74
CA GLU A 68 -18.22 -20.96 16.67
C GLU A 68 -19.36 -21.60 17.45
N LYS A 69 -19.65 -21.07 18.64
CA LYS A 69 -20.73 -21.64 19.44
C LYS A 69 -22.09 -21.05 19.07
N GLU A 70 -22.23 -20.62 17.82
CA GLU A 70 -23.48 -20.05 17.33
C GLU A 70 -23.68 -20.37 15.86
N VAL A 71 -22.64 -20.93 15.25
CA VAL A 71 -22.67 -21.29 13.84
C VAL A 71 -23.81 -22.22 13.46
N TRP A 72 -24.30 -23.01 14.41
CA TRP A 72 -25.38 -23.95 14.13
C TRP A 72 -26.77 -23.45 14.51
N GLU A 73 -26.83 -22.52 15.46
CA GLU A 73 -28.13 -22.01 15.89
C GLU A 73 -28.68 -20.89 15.03
N TYR A 74 -28.00 -20.56 13.93
CA TYR A 74 -28.47 -19.49 13.05
C TYR A 74 -28.25 -19.83 11.58
N ASP A 75 -28.78 -18.99 10.71
CA ASP A 75 -28.66 -19.19 9.27
C ASP A 75 -27.68 -18.18 8.68
N GLY A 76 -27.33 -17.18 9.48
CA GLY A 76 -26.42 -16.16 9.02
C GLY A 76 -25.96 -15.24 10.15
N ILE A 77 -24.79 -14.65 9.99
CA ILE A 77 -24.24 -13.77 10.99
C ILE A 77 -23.73 -12.48 10.32
N VAL A 78 -24.00 -11.35 10.95
CA VAL A 78 -23.56 -10.06 10.44
C VAL A 78 -22.74 -9.44 11.55
N ILE A 79 -21.58 -8.90 11.21
CA ILE A 79 -20.71 -8.30 12.20
C ILE A 79 -20.41 -6.83 11.90
N THR A 80 -20.98 -5.93 12.71
CA THR A 80 -20.73 -4.52 12.53
C THR A 80 -19.31 -4.31 13.03
N HIS A 81 -18.49 -3.63 12.23
CA HIS A 81 -17.08 -3.47 12.55
C HIS A 81 -16.53 -2.14 12.08
N GLY A 82 -15.37 -1.76 12.61
CA GLY A 82 -14.73 -0.53 12.18
C GLY A 82 -14.09 -0.84 10.84
N THR A 83 -14.04 0.13 9.92
CA THR A 83 -13.46 -0.11 8.61
C THR A 83 -11.94 -0.23 8.60
N ASP A 84 -11.28 0.45 9.54
CA ASP A 84 -9.83 0.42 9.60
C ASP A 84 -9.17 -0.96 9.58
N THR A 85 -9.73 -1.93 10.28
CA THR A 85 -9.12 -3.24 10.31
C THR A 85 -10.10 -4.35 9.95
N MET A 86 -11.17 -4.00 9.26
CA MET A 86 -12.17 -4.99 8.88
C MET A 86 -11.59 -6.11 8.03
N ALA A 87 -10.72 -5.76 7.09
CA ALA A 87 -10.09 -6.77 6.23
C ALA A 87 -9.23 -7.72 7.06
N TYR A 88 -8.62 -7.21 8.12
CA TYR A 88 -7.79 -8.02 9.00
C TYR A 88 -8.64 -9.04 9.75
N SER A 89 -9.74 -8.58 10.34
CA SER A 89 -10.63 -9.47 11.07
C SER A 89 -11.25 -10.50 10.12
N ALA A 90 -11.73 -10.04 8.98
CA ALA A 90 -12.34 -10.92 7.99
C ALA A 90 -11.35 -11.99 7.55
N SER A 91 -10.11 -11.57 7.30
CA SER A 91 -9.10 -12.51 6.86
C SER A 91 -8.79 -13.54 7.93
N MET A 92 -8.57 -13.09 9.17
CA MET A 92 -8.26 -14.04 10.22
C MET A 92 -9.39 -15.03 10.47
N LEU A 93 -10.64 -14.57 10.40
CA LEU A 93 -11.77 -15.47 10.61
C LEU A 93 -11.79 -16.55 9.54
N SER A 94 -11.43 -16.17 8.32
CA SER A 94 -11.42 -17.12 7.21
C SER A 94 -10.49 -18.30 7.47
N PHE A 95 -9.35 -18.04 8.09
CA PHE A 95 -8.40 -19.09 8.38
C PHE A 95 -8.81 -19.89 9.62
N MET A 96 -9.31 -19.20 10.64
CA MET A 96 -9.74 -19.84 11.88
C MET A 96 -11.02 -20.66 11.77
N LEU A 97 -12.01 -20.16 11.03
CA LEU A 97 -13.28 -20.87 10.90
C LEU A 97 -13.41 -21.44 9.49
N ARG A 98 -12.77 -22.59 9.28
CA ARG A 98 -12.80 -23.23 7.98
C ARG A 98 -14.09 -24.01 7.70
N ASN A 99 -14.62 -23.83 6.49
CA ASN A 99 -15.85 -24.47 6.05
C ASN A 99 -17.11 -23.96 6.76
N PRO A 100 -17.25 -22.63 6.90
CA PRO A 100 -18.45 -22.10 7.56
C PRO A 100 -19.71 -22.60 6.86
N PRO A 101 -20.65 -23.15 7.62
CA PRO A 101 -21.91 -23.67 7.07
C PRO A 101 -22.93 -22.59 6.75
N ILE A 102 -22.73 -21.40 7.30
CA ILE A 102 -23.65 -20.28 7.05
C ILE A 102 -22.92 -19.03 6.58
N PRO A 103 -23.67 -18.02 6.12
CA PRO A 103 -23.08 -16.75 5.66
C PRO A 103 -22.69 -15.82 6.80
N ILE A 104 -21.41 -15.50 6.89
CA ILE A 104 -20.90 -14.59 7.91
C ILE A 104 -20.45 -13.34 7.17
N VAL A 105 -21.10 -12.22 7.44
CA VAL A 105 -20.78 -10.98 6.74
C VAL A 105 -20.39 -9.86 7.70
N LEU A 106 -19.32 -9.14 7.35
CA LEU A 106 -18.87 -8.02 8.15
C LEU A 106 -19.19 -6.74 7.39
N THR A 107 -19.63 -5.70 8.09
CA THR A 107 -19.94 -4.43 7.47
C THR A 107 -19.56 -3.32 8.41
N GLY A 108 -19.66 -2.09 7.93
CA GLY A 108 -19.33 -0.92 8.72
C GLY A 108 -19.80 0.27 7.91
N SER A 109 -19.12 1.40 8.05
CA SER A 109 -19.49 2.59 7.30
C SER A 109 -18.46 3.68 7.51
N MET A 110 -18.38 4.60 6.55
CA MET A 110 -17.42 5.69 6.63
C MET A 110 -17.98 6.83 7.49
N LEU A 111 -19.30 6.83 7.66
CA LEU A 111 -19.97 7.85 8.47
C LEU A 111 -20.88 7.16 9.48
N PRO A 112 -20.96 7.71 10.69
CA PRO A 112 -21.82 7.13 11.74
C PRO A 112 -23.30 7.27 11.39
N ILE A 113 -24.10 6.27 11.75
CA ILE A 113 -25.54 6.31 11.49
C ILE A 113 -26.13 7.60 12.03
N THR A 114 -25.53 8.10 13.10
CA THR A 114 -25.98 9.34 13.71
C THR A 114 -25.53 10.51 12.86
N GLU A 115 -25.71 10.38 11.55
CA GLU A 115 -25.30 11.43 10.61
C GLU A 115 -26.21 11.42 9.40
N LYS A 116 -26.37 12.58 8.77
CA LYS A 116 -27.20 12.70 7.58
C LYS A 116 -26.48 12.09 6.38
N ASN A 117 -27.23 11.35 5.56
CA ASN A 117 -26.67 10.72 4.37
C ASN A 117 -25.59 9.71 4.75
N SER A 118 -25.88 8.86 5.73
CA SER A 118 -24.93 7.85 6.16
C SER A 118 -25.08 6.61 5.30
N ASP A 119 -23.97 5.94 5.04
CA ASP A 119 -23.98 4.73 4.24
C ASP A 119 -24.29 3.51 5.07
N ALA A 120 -24.31 3.68 6.39
CA ALA A 120 -24.58 2.57 7.31
C ALA A 120 -25.85 1.81 6.99
N PRO A 121 -26.98 2.51 6.79
CA PRO A 121 -28.23 1.80 6.49
C PRO A 121 -28.08 0.92 5.25
N PHE A 122 -27.60 1.53 4.18
CA PHE A 122 -27.39 0.83 2.91
C PHE A 122 -26.47 -0.38 3.08
N ASN A 123 -25.36 -0.22 3.78
CA ASN A 123 -24.42 -1.31 4.00
C ASN A 123 -25.05 -2.43 4.82
N LEU A 124 -25.82 -2.05 5.83
CA LEU A 124 -26.47 -3.03 6.69
C LEU A 124 -27.53 -3.80 5.90
N ARG A 125 -28.29 -3.07 5.09
CA ARG A 125 -29.34 -3.70 4.30
C ARG A 125 -28.74 -4.65 3.29
N THR A 126 -27.56 -4.30 2.76
CA THR A 126 -26.91 -5.16 1.78
C THR A 126 -26.38 -6.42 2.44
N ALA A 127 -25.93 -6.30 3.68
CA ALA A 127 -25.40 -7.44 4.42
C ALA A 127 -26.53 -8.41 4.76
N LEU A 128 -27.62 -7.86 5.28
CA LEU A 128 -28.77 -8.68 5.66
C LEU A 128 -29.39 -9.30 4.41
N GLU A 129 -29.47 -8.51 3.35
CA GLU A 129 -30.03 -8.99 2.09
C GLU A 129 -29.24 -10.20 1.60
N PHE A 130 -27.92 -10.07 1.59
CA PHE A 130 -27.02 -11.14 1.15
C PHE A 130 -27.04 -12.36 2.04
N VAL A 131 -27.09 -12.16 3.35
CA VAL A 131 -27.09 -13.27 4.29
C VAL A 131 -28.34 -14.14 4.16
N LYS A 132 -29.29 -13.71 3.36
CA LYS A 132 -30.54 -14.44 3.16
C LYS A 132 -30.52 -15.21 1.84
N LEU A 133 -29.37 -15.25 1.19
CA LEU A 133 -29.22 -15.95 -0.09
C LEU A 133 -28.54 -17.31 0.07
N GLY A 134 -28.38 -17.74 1.33
CA GLY A 134 -27.77 -19.03 1.61
C GLY A 134 -26.35 -19.30 1.15
N ILE A 135 -25.67 -18.29 0.61
CA ILE A 135 -24.30 -18.47 0.15
C ILE A 135 -23.30 -18.40 1.32
N ARG A 136 -22.79 -19.56 1.73
CA ARG A 136 -21.87 -19.63 2.86
C ARG A 136 -20.45 -19.14 2.61
N GLY A 137 -19.81 -18.71 3.70
CA GLY A 137 -18.45 -18.21 3.64
C GLY A 137 -18.30 -16.96 4.50
N ILE A 138 -17.13 -16.32 4.44
CA ILE A 138 -16.89 -15.11 5.20
C ILE A 138 -16.65 -13.96 4.25
N TYR A 139 -17.58 -13.01 4.23
CA TYR A 139 -17.51 -11.87 3.32
C TYR A 139 -17.57 -10.53 4.01
N ILE A 140 -17.44 -9.49 3.19
CA ILE A 140 -17.53 -8.09 3.63
C ILE A 140 -18.47 -7.43 2.64
N ALA A 141 -19.49 -6.75 3.16
CA ALA A 141 -20.45 -6.05 2.32
C ALA A 141 -20.13 -4.58 2.49
N PHE A 142 -20.18 -3.81 1.41
CA PHE A 142 -19.84 -2.40 1.52
C PHE A 142 -20.12 -1.70 0.20
N ASN A 143 -20.80 -0.57 0.27
CA ASN A 143 -21.14 0.24 -0.90
C ASN A 143 -21.76 -0.59 -2.03
N GLY A 144 -22.70 -1.46 -1.67
CA GLY A 144 -23.38 -2.28 -2.66
C GLY A 144 -22.63 -3.47 -3.23
N LYS A 145 -21.54 -3.87 -2.60
CA LYS A 145 -20.78 -5.01 -3.08
C LYS A 145 -20.59 -6.00 -1.95
N VAL A 146 -20.46 -7.28 -2.31
CA VAL A 146 -20.22 -8.31 -1.32
C VAL A 146 -18.96 -8.99 -1.83
N MET A 147 -17.89 -8.93 -1.05
CA MET A 147 -16.61 -9.49 -1.46
C MET A 147 -16.13 -10.60 -0.55
N LEU A 148 -15.38 -11.53 -1.11
CA LEU A 148 -14.84 -12.61 -0.30
C LEU A 148 -13.93 -11.86 0.68
N GLY A 149 -14.15 -12.06 1.97
CA GLY A 149 -13.37 -11.37 2.98
C GLY A 149 -11.86 -11.49 2.88
N VAL A 150 -11.36 -12.69 2.61
CA VAL A 150 -9.93 -12.90 2.50
C VAL A 150 -9.36 -12.25 1.23
N ARG A 151 -10.23 -11.63 0.43
CA ARG A 151 -9.82 -10.98 -0.81
C ARG A 151 -10.07 -9.48 -0.81
N ALA A 152 -10.75 -8.99 0.21
CA ALA A 152 -11.07 -7.57 0.30
C ALA A 152 -9.92 -6.75 0.87
N SER A 153 -9.81 -5.51 0.43
CA SER A 153 -8.76 -4.63 0.91
C SER A 153 -9.29 -3.21 0.97
N LYS A 154 -8.83 -2.44 1.95
CA LYS A 154 -9.28 -1.06 2.08
C LYS A 154 -8.34 -0.18 1.26
N ILE A 155 -8.81 0.27 0.10
CA ILE A 155 -7.99 1.11 -0.77
C ILE A 155 -8.27 2.60 -0.63
N ARG A 156 -9.43 2.95 -0.08
CA ARG A 156 -9.78 4.36 0.09
C ARG A 156 -10.02 4.67 1.56
N SER A 157 -9.51 5.81 2.03
CA SER A 157 -9.66 6.18 3.43
C SER A 157 -10.77 7.18 3.71
N MET A 158 -11.41 7.72 2.67
CA MET A 158 -12.47 8.69 2.88
C MET A 158 -13.79 8.45 2.13
N GLY A 159 -13.72 8.18 0.83
CA GLY A 159 -14.93 7.95 0.07
C GLY A 159 -15.74 6.73 0.49
N PHE A 160 -16.98 6.63 0.02
CA PHE A 160 -17.84 5.50 0.36
C PHE A 160 -17.41 4.15 -0.25
N ASP A 161 -16.74 4.19 -1.40
CA ASP A 161 -16.29 2.97 -2.07
C ASP A 161 -14.90 2.63 -1.50
N ALA A 162 -14.84 2.42 -0.20
CA ALA A 162 -13.59 2.14 0.49
C ALA A 162 -12.96 0.77 0.29
N PHE A 163 -13.79 -0.26 0.16
CA PHE A 163 -13.28 -1.62 -0.01
C PHE A 163 -13.34 -2.12 -1.44
N GLU A 164 -12.41 -3.00 -1.78
CA GLU A 164 -12.36 -3.56 -3.12
C GLU A 164 -11.83 -4.99 -3.12
N SER A 165 -12.37 -5.81 -3.99
CA SER A 165 -11.94 -7.19 -4.12
C SER A 165 -10.67 -7.14 -4.98
N ILE A 166 -9.54 -7.54 -4.39
CA ILE A 166 -8.24 -7.49 -5.06
C ILE A 166 -7.84 -8.76 -5.80
N ASN A 167 -7.61 -8.64 -7.11
CA ASN A 167 -7.21 -9.76 -7.96
C ASN A 167 -8.24 -10.90 -7.94
N TYR A 168 -9.49 -10.57 -7.64
CA TYR A 168 -10.56 -11.55 -7.55
C TYR A 168 -11.87 -10.80 -7.74
N PRO A 169 -12.84 -11.40 -8.44
CA PRO A 169 -14.13 -10.74 -8.68
C PRO A 169 -15.06 -10.68 -7.48
N ASN A 170 -15.95 -9.69 -7.49
CA ASN A 170 -16.91 -9.54 -6.41
C ASN A 170 -17.83 -10.75 -6.40
N VAL A 171 -18.36 -11.07 -5.23
CA VAL A 171 -19.28 -12.20 -5.11
C VAL A 171 -20.69 -11.74 -5.43
N ALA A 172 -21.04 -10.54 -5.01
CA ALA A 172 -22.34 -9.98 -5.28
C ALA A 172 -22.23 -8.48 -5.51
N GLU A 173 -23.10 -7.94 -6.35
CA GLU A 173 -23.12 -6.51 -6.65
C GLU A 173 -24.57 -6.10 -6.79
N ILE A 174 -24.84 -4.80 -6.71
CA ILE A 174 -26.22 -4.32 -6.86
C ILE A 174 -26.45 -3.88 -8.30
N LYS A 175 -27.42 -4.53 -8.95
CA LYS A 175 -27.76 -4.21 -10.33
C LYS A 175 -29.27 -4.01 -10.44
N ASP A 176 -29.67 -2.86 -10.96
CA ASP A 176 -31.08 -2.51 -11.12
C ASP A 176 -31.74 -2.54 -9.74
N ASP A 177 -31.00 -2.09 -8.74
CA ASP A 177 -31.47 -2.03 -7.36
C ASP A 177 -31.80 -3.38 -6.76
N LYS A 178 -30.95 -4.37 -7.02
CA LYS A 178 -31.13 -5.70 -6.48
C LYS A 178 -29.80 -6.43 -6.37
N LEU A 179 -29.56 -7.05 -5.23
CA LEU A 179 -28.31 -7.78 -5.05
C LEU A 179 -28.29 -8.92 -6.06
N ARG A 180 -27.27 -8.93 -6.90
CA ARG A 180 -27.12 -9.97 -7.90
C ARG A 180 -25.90 -10.80 -7.54
N ILE A 181 -26.02 -12.12 -7.63
CA ILE A 181 -24.89 -13.00 -7.35
C ILE A 181 -24.12 -13.12 -8.65
N LEU A 182 -22.81 -12.85 -8.59
CA LEU A 182 -21.95 -12.93 -9.76
C LEU A 182 -21.26 -14.28 -9.84
N HIS A 183 -21.01 -14.88 -8.68
CA HIS A 183 -20.40 -16.20 -8.62
C HIS A 183 -20.33 -16.68 -7.19
N ILE A 184 -20.44 -17.99 -7.01
CA ILE A 184 -20.41 -18.58 -5.69
C ILE A 184 -19.08 -19.28 -5.40
N PRO A 185 -18.35 -18.80 -4.37
CA PRO A 185 -17.07 -19.44 -4.04
C PRO A 185 -17.36 -20.88 -3.64
N ASP A 186 -16.60 -21.81 -4.20
CA ASP A 186 -16.83 -23.23 -3.93
C ASP A 186 -15.71 -23.95 -3.18
N PHE A 187 -14.52 -23.35 -3.16
CA PHE A 187 -13.37 -23.95 -2.49
C PHE A 187 -13.63 -24.46 -1.06
N TYR A 188 -14.89 -24.44 -0.64
CA TYR A 188 -15.26 -24.89 0.69
C TYR A 188 -15.55 -26.39 0.74
N GLY A 189 -15.27 -26.99 1.90
CA GLY A 189 -15.53 -28.41 2.09
C GLY A 189 -16.86 -28.54 2.82
N ASP A 190 -17.14 -29.71 3.38
CA ASP A 190 -18.39 -29.91 4.10
C ASP A 190 -18.26 -29.86 5.62
N GLU A 191 -17.35 -30.67 6.17
CA GLU A 191 -17.12 -30.70 7.62
C GLU A 191 -16.66 -29.33 8.11
N PHE A 192 -17.28 -28.85 9.18
CA PHE A 192 -16.92 -27.57 9.76
C PHE A 192 -16.03 -27.74 10.98
N PHE A 193 -14.95 -26.97 11.04
CA PHE A 193 -14.04 -27.04 12.18
C PHE A 193 -13.32 -25.72 12.41
N SER A 194 -12.88 -25.49 13.64
CA SER A 194 -12.17 -24.27 13.98
C SER A 194 -10.71 -24.57 14.28
N ASP A 195 -9.83 -23.67 13.84
CA ASP A 195 -8.41 -23.79 14.06
C ASP A 195 -7.99 -22.48 14.68
N ILE A 196 -8.63 -22.14 15.79
CA ILE A 196 -8.34 -20.90 16.48
C ILE A 196 -7.00 -20.88 17.20
N LYS A 197 -5.95 -20.48 16.48
CA LYS A 197 -4.61 -20.38 17.05
C LYS A 197 -3.79 -19.40 16.21
N TYR A 198 -2.88 -18.68 16.86
CA TYR A 198 -2.06 -17.71 16.15
C TYR A 198 -0.91 -17.18 16.99
N GLU A 199 0.05 -16.59 16.30
CA GLU A 199 1.23 -15.98 16.92
C GLU A 199 1.10 -14.56 16.39
N PRO A 200 0.88 -13.58 17.27
CA PRO A 200 0.72 -12.19 16.82
C PRO A 200 1.96 -11.36 16.51
N LYS A 201 3.11 -11.77 17.02
CA LYS A 201 4.33 -10.99 16.81
C LYS A 201 5.12 -11.14 15.50
N VAL A 202 4.65 -10.46 14.48
CA VAL A 202 5.30 -10.45 13.18
C VAL A 202 5.41 -8.96 12.83
N LEU A 203 6.37 -8.58 12.00
CA LEU A 203 6.42 -7.17 11.64
C LEU A 203 6.49 -6.98 10.14
N VAL A 204 5.88 -5.90 9.70
CA VAL A 204 5.84 -5.54 8.29
C VAL A 204 6.60 -4.25 8.08
N ILE A 205 7.59 -4.27 7.20
CA ILE A 205 8.35 -3.06 6.89
C ILE A 205 8.36 -2.91 5.36
N LYS A 206 8.16 -1.68 4.89
CA LYS A 206 8.15 -1.41 3.45
C LYS A 206 9.58 -1.27 2.96
N LEU A 207 9.87 -1.85 1.81
CA LEU A 207 11.20 -1.73 1.24
C LEU A 207 11.29 -0.37 0.58
N ILE A 208 12.40 0.33 0.81
CA ILE A 208 12.59 1.65 0.19
C ILE A 208 14.02 1.71 -0.27
N PRO A 209 14.30 2.53 -1.30
CA PRO A 209 15.70 2.55 -1.72
C PRO A 209 16.68 2.88 -0.59
N GLY A 210 17.78 2.13 -0.57
CA GLY A 210 18.81 2.31 0.44
C GLY A 210 18.58 1.61 1.78
N LEU A 211 17.44 0.98 1.97
CA LEU A 211 17.13 0.29 3.23
C LEU A 211 18.20 -0.73 3.65
N SER A 212 18.61 -0.66 4.92
CA SER A 212 19.61 -1.57 5.48
C SER A 212 18.95 -2.79 6.11
N GLY A 213 19.73 -3.86 6.26
CA GLY A 213 19.21 -5.07 6.88
C GLY A 213 19.24 -5.02 8.41
N ASP A 214 19.84 -3.97 8.96
CA ASP A 214 19.94 -3.80 10.41
C ASP A 214 18.61 -3.97 11.14
N ILE A 215 17.54 -3.41 10.59
CA ILE A 215 16.24 -3.49 11.23
C ILE A 215 15.68 -4.93 11.20
N VAL A 216 16.13 -5.74 10.25
CA VAL A 216 15.64 -7.11 10.18
C VAL A 216 16.38 -8.00 11.17
N ARG A 217 17.67 -7.71 11.37
CA ARG A 217 18.46 -8.47 12.31
C ARG A 217 17.95 -8.17 13.73
N GLU A 218 17.56 -6.94 13.97
CA GLU A 218 17.08 -6.56 15.30
C GLU A 218 15.68 -7.06 15.61
N ALA A 219 14.88 -7.30 14.57
CA ALA A 219 13.55 -7.80 14.79
C ALA A 219 13.67 -9.22 15.34
N LEU A 220 14.67 -9.96 14.87
CA LEU A 220 14.90 -11.32 15.32
C LEU A 220 15.29 -11.32 16.78
N ARG A 221 16.22 -10.45 17.16
CA ARG A 221 16.67 -10.34 18.54
C ARG A 221 15.55 -9.88 19.47
N LEU A 222 14.67 -9.04 18.96
CA LEU A 222 13.56 -8.52 19.76
C LEU A 222 12.47 -9.57 20.00
N GLY A 223 12.55 -10.70 19.31
CA GLY A 223 11.55 -11.73 19.50
C GLY A 223 10.51 -11.88 18.41
N TYR A 224 10.62 -11.12 17.31
CA TYR A 224 9.64 -11.26 16.24
C TYR A 224 9.76 -12.64 15.62
N LYS A 225 8.64 -13.28 15.35
CA LYS A 225 8.68 -14.63 14.81
C LYS A 225 8.45 -14.74 13.32
N GLY A 226 8.24 -13.59 12.68
CA GLY A 226 8.01 -13.57 11.26
C GLY A 226 8.15 -12.15 10.76
N ILE A 227 8.70 -12.01 9.56
CA ILE A 227 8.89 -10.71 8.96
C ILE A 227 8.28 -10.69 7.56
N ILE A 228 7.51 -9.63 7.28
CA ILE A 228 6.90 -9.46 5.98
C ILE A 228 7.47 -8.19 5.36
N LEU A 229 8.16 -8.36 4.23
CA LEU A 229 8.75 -7.26 3.49
C LEU A 229 7.82 -6.83 2.37
N GLU A 230 7.35 -5.58 2.42
CA GLU A 230 6.46 -5.05 1.38
C GLU A 230 7.36 -4.56 0.25
N GLY A 231 7.53 -5.41 -0.76
CA GLY A 231 8.39 -5.08 -1.89
C GLY A 231 7.88 -4.10 -2.93
N TYR A 232 8.77 -3.76 -3.85
CA TYR A 232 8.50 -2.82 -4.93
C TYR A 232 7.40 -3.23 -5.90
N GLY A 233 7.60 -4.37 -6.54
CA GLY A 233 6.60 -4.82 -7.50
C GLY A 233 6.61 -6.32 -7.63
N VAL A 234 6.97 -6.77 -8.81
CA VAL A 234 7.03 -8.19 -9.13
C VAL A 234 7.73 -9.00 -8.03
N GLY A 235 8.81 -8.46 -7.48
CA GLY A 235 9.54 -9.14 -6.42
C GLY A 235 11.05 -9.05 -6.55
N GLY A 236 11.73 -8.86 -5.43
CA GLY A 236 13.17 -8.76 -5.43
C GLY A 236 13.68 -8.04 -4.19
N ILE A 237 14.85 -8.45 -3.70
CA ILE A 237 15.46 -7.83 -2.52
C ILE A 237 16.78 -7.15 -2.89
N PRO A 238 16.84 -5.81 -2.77
CA PRO A 238 18.07 -5.07 -3.10
C PRO A 238 19.34 -5.59 -2.44
N TYR A 239 20.43 -5.65 -3.20
CA TYR A 239 21.71 -6.11 -2.68
C TYR A 239 22.83 -5.17 -3.13
N ARG A 240 22.43 -4.09 -3.81
CA ARG A 240 23.36 -3.11 -4.31
C ARG A 240 23.51 -1.93 -3.34
N GLY A 241 24.72 -1.74 -2.81
CA GLY A 241 24.98 -0.65 -1.87
C GLY A 241 24.29 -0.79 -0.52
N THR A 242 23.79 -1.98 -0.22
CA THR A 242 23.10 -2.23 1.04
C THR A 242 23.38 -3.64 1.52
N ASP A 243 23.28 -3.85 2.83
CA ASP A 243 23.52 -5.18 3.41
C ASP A 243 22.21 -5.96 3.58
N LEU A 244 21.10 -5.35 3.17
CA LEU A 244 19.78 -5.95 3.29
C LEU A 244 19.66 -7.39 2.80
N PHE A 245 20.13 -7.64 1.59
CA PHE A 245 20.05 -8.98 1.04
C PHE A 245 20.91 -9.95 1.84
N GLU A 246 22.07 -9.49 2.29
CA GLU A 246 22.96 -10.30 3.09
C GLU A 246 22.27 -10.70 4.39
N VAL A 247 21.71 -9.72 5.10
CA VAL A 247 21.02 -9.98 6.36
C VAL A 247 19.80 -10.91 6.21
N VAL A 248 19.01 -10.70 5.16
CA VAL A 248 17.83 -11.52 4.90
C VAL A 248 18.19 -12.98 4.59
N SER A 249 19.32 -13.18 3.92
CA SER A 249 19.79 -14.52 3.56
C SER A 249 19.99 -15.41 4.79
N SER A 250 20.43 -14.82 5.89
CA SER A 250 20.64 -15.61 7.09
C SER A 250 19.40 -15.64 7.98
N ILE A 251 18.78 -14.48 8.20
CA ILE A 251 17.58 -14.41 9.04
C ILE A 251 16.45 -15.28 8.48
N SER A 252 16.38 -15.39 7.15
CA SER A 252 15.33 -16.17 6.52
C SER A 252 15.43 -17.66 6.81
N LYS A 253 16.51 -18.04 7.50
CA LYS A 253 16.74 -19.44 7.85
C LYS A 253 16.48 -19.69 9.33
N ARG A 254 16.10 -18.63 10.05
CA ARG A 254 15.82 -18.75 11.48
C ARG A 254 14.38 -18.37 11.75
N ILE A 255 13.91 -17.40 10.99
CA ILE A 255 12.55 -16.89 11.10
C ILE A 255 12.04 -16.76 9.67
N PRO A 256 10.76 -17.03 9.43
CA PRO A 256 10.28 -16.90 8.05
C PRO A 256 10.12 -15.45 7.62
N VAL A 257 10.74 -15.07 6.49
CA VAL A 257 10.57 -13.71 6.00
C VAL A 257 9.82 -13.79 4.66
N VAL A 258 8.65 -13.17 4.64
CA VAL A 258 7.81 -13.19 3.46
C VAL A 258 7.97 -11.94 2.63
N LEU A 259 7.92 -12.11 1.33
CA LEU A 259 8.03 -10.98 0.41
C LEU A 259 6.72 -10.83 -0.35
N THR A 260 6.08 -9.68 -0.17
CA THR A 260 4.84 -9.38 -0.84
C THR A 260 5.09 -8.10 -1.61
N THR A 261 4.07 -7.49 -2.18
CA THR A 261 4.29 -6.27 -2.93
C THR A 261 3.58 -5.06 -2.37
N GLN A 262 4.15 -3.89 -2.65
CA GLN A 262 3.58 -2.63 -2.22
C GLN A 262 2.35 -2.33 -3.09
N ALA A 263 2.41 -2.69 -4.36
CA ALA A 263 1.30 -2.43 -5.27
C ALA A 263 0.05 -3.17 -4.81
N ILE A 264 -1.11 -2.55 -4.97
CA ILE A 264 -2.36 -3.18 -4.56
C ILE A 264 -2.80 -4.32 -5.48
N TYR A 265 -2.49 -4.19 -6.77
CA TYR A 265 -2.91 -5.19 -7.74
C TYR A 265 -1.81 -6.08 -8.33
N ASP A 266 -2.23 -7.26 -8.79
CA ASP A 266 -1.35 -8.26 -9.43
C ASP A 266 -0.50 -9.13 -8.51
N GLY A 267 -0.06 -8.59 -7.38
CA GLY A 267 0.72 -9.40 -6.47
C GLY A 267 2.17 -9.61 -6.83
N VAL A 268 2.73 -10.70 -6.33
CA VAL A 268 4.14 -11.00 -6.54
C VAL A 268 4.39 -12.22 -7.42
N ASP A 269 5.60 -12.28 -7.98
CA ASP A 269 6.05 -13.39 -8.84
C ASP A 269 7.59 -13.40 -8.90
N LEU A 270 8.21 -14.11 -7.97
CA LEU A 270 9.66 -14.14 -7.90
C LEU A 270 10.40 -14.84 -9.03
N GLN A 271 9.70 -15.26 -10.07
CA GLN A 271 10.37 -15.94 -11.17
C GLN A 271 10.64 -15.02 -12.36
N ARG A 272 10.01 -13.87 -12.39
CA ARG A 272 10.16 -12.94 -13.50
C ARG A 272 11.58 -12.40 -13.68
N TYR A 273 12.10 -11.70 -12.69
CA TYR A 273 13.43 -11.13 -12.80
C TYR A 273 14.53 -11.91 -12.11
N LYS A 274 15.77 -11.69 -12.54
CA LYS A 274 16.89 -12.39 -11.94
C LYS A 274 16.98 -12.04 -10.46
N VAL A 275 16.70 -10.78 -10.12
CA VAL A 275 16.75 -10.36 -8.72
C VAL A 275 15.74 -11.17 -7.90
N GLY A 276 14.63 -11.55 -8.54
CA GLY A 276 13.63 -12.34 -7.84
C GLY A 276 14.07 -13.77 -7.59
N ARG A 277 14.69 -14.39 -8.58
CA ARG A 277 15.17 -15.77 -8.47
C ARG A 277 16.24 -15.83 -7.38
N ILE A 278 17.04 -14.78 -7.28
CA ILE A 278 18.08 -14.70 -6.28
C ILE A 278 17.48 -14.59 -4.88
N ALA A 279 16.37 -13.89 -4.77
CA ALA A 279 15.69 -13.73 -3.48
C ALA A 279 15.07 -15.05 -3.05
N LEU A 280 14.44 -15.73 -4.02
CA LEU A 280 13.78 -17.01 -3.80
C LEU A 280 14.80 -18.06 -3.34
N GLU A 281 16.00 -17.98 -3.88
CA GLU A 281 17.06 -18.92 -3.52
C GLU A 281 17.72 -18.57 -2.19
N ALA A 282 17.57 -17.33 -1.76
CA ALA A 282 18.15 -16.89 -0.50
C ALA A 282 17.25 -17.25 0.68
N GLY A 283 16.06 -17.77 0.41
CA GLY A 283 15.16 -18.17 1.47
C GLY A 283 13.84 -17.43 1.66
N VAL A 284 13.62 -16.31 0.97
CA VAL A 284 12.38 -15.57 1.15
C VAL A 284 11.14 -16.34 0.66
N ILE A 285 10.01 -16.08 1.29
CA ILE A 285 8.74 -16.75 0.96
C ILE A 285 7.79 -15.82 0.21
N PRO A 286 7.40 -16.20 -1.02
CA PRO A 286 6.49 -15.43 -1.89
C PRO A 286 5.08 -15.41 -1.32
N ALA A 287 4.40 -14.27 -1.46
CA ALA A 287 3.04 -14.14 -0.95
C ALA A 287 2.01 -14.27 -2.08
N GLY A 288 2.47 -14.66 -3.26
CA GLY A 288 1.57 -14.83 -4.38
C GLY A 288 0.79 -13.56 -4.70
N ASP A 289 -0.52 -13.69 -4.87
CA ASP A 289 -1.34 -12.52 -5.17
C ASP A 289 -2.27 -12.17 -4.02
N MET A 290 -1.95 -12.68 -2.83
CA MET A 290 -2.77 -12.41 -1.64
C MET A 290 -2.81 -10.93 -1.30
N THR A 291 -3.85 -10.53 -0.56
CA THR A 291 -3.97 -9.14 -0.15
C THR A 291 -2.98 -8.99 1.00
N LYS A 292 -2.58 -7.76 1.30
CA LYS A 292 -1.64 -7.56 2.40
C LYS A 292 -2.26 -8.08 3.70
N GLU A 293 -3.55 -7.81 3.89
CA GLU A 293 -4.23 -8.25 5.10
C GLU A 293 -4.30 -9.77 5.21
N ALA A 294 -4.59 -10.45 4.11
CA ALA A 294 -4.64 -11.90 4.15
C ALA A 294 -3.23 -12.47 4.38
N THR A 295 -2.22 -11.84 3.80
CA THR A 295 -0.83 -12.26 3.94
C THR A 295 -0.34 -12.18 5.37
N ILE A 296 -0.67 -11.07 6.04
CA ILE A 296 -0.28 -10.83 7.41
C ILE A 296 -1.01 -11.75 8.37
N THR A 297 -2.34 -11.84 8.26
CA THR A 297 -3.10 -12.69 9.16
C THR A 297 -2.79 -14.16 8.93
N LYS A 298 -2.53 -14.54 7.68
CA LYS A 298 -2.22 -15.92 7.39
C LYS A 298 -0.89 -16.34 8.04
N LEU A 299 0.09 -15.45 8.03
CA LEU A 299 1.40 -15.77 8.63
C LEU A 299 1.27 -15.90 10.14
N MET A 300 0.45 -15.04 10.74
CA MET A 300 0.23 -15.10 12.19
C MET A 300 -0.42 -16.43 12.51
N TRP A 301 -1.44 -16.77 11.73
CA TRP A 301 -2.18 -18.00 11.91
C TRP A 301 -1.28 -19.22 11.80
N ILE A 302 -0.48 -19.26 10.74
CA ILE A 302 0.43 -20.37 10.53
C ILE A 302 1.43 -20.51 11.67
N LEU A 303 2.02 -19.39 12.07
CA LEU A 303 3.00 -19.38 13.15
C LEU A 303 2.40 -19.87 14.46
N GLY A 304 1.08 -19.99 14.49
CA GLY A 304 0.38 -20.43 15.69
C GLY A 304 0.58 -21.91 16.03
N HIS A 305 1.06 -22.70 15.07
CA HIS A 305 1.27 -24.11 15.35
C HIS A 305 2.63 -24.64 14.90
N THR A 306 3.41 -23.83 14.20
CA THR A 306 4.73 -24.27 13.75
C THR A 306 5.73 -23.13 13.60
N LYS A 307 7.01 -23.49 13.53
CA LYS A 307 8.08 -22.52 13.35
C LYS A 307 9.06 -23.01 12.30
N ASN A 308 8.75 -24.17 11.72
CA ASN A 308 9.58 -24.77 10.69
C ASN A 308 9.46 -23.94 9.41
N ILE A 309 10.57 -23.39 8.95
CA ILE A 309 10.57 -22.57 7.75
C ILE A 309 9.87 -23.21 6.56
N GLU A 310 10.29 -24.43 6.22
CA GLU A 310 9.68 -25.12 5.07
C GLU A 310 8.18 -25.34 5.18
N GLU A 311 7.69 -25.63 6.38
CA GLU A 311 6.27 -25.85 6.54
C GLU A 311 5.51 -24.53 6.31
N VAL A 312 6.00 -23.44 6.91
CA VAL A 312 5.33 -22.16 6.74
C VAL A 312 5.38 -21.72 5.26
N LYS A 313 6.49 -22.03 4.59
CA LYS A 313 6.60 -21.67 3.18
C LYS A 313 5.58 -22.48 2.37
N GLN A 314 5.40 -23.74 2.75
CA GLN A 314 4.46 -24.62 2.07
C GLN A 314 3.02 -24.18 2.28
N LEU A 315 2.66 -23.86 3.51
CA LEU A 315 1.30 -23.40 3.79
C LEU A 315 1.03 -22.01 3.19
N MET A 316 2.00 -21.10 3.32
CA MET A 316 1.82 -19.77 2.76
C MET A 316 1.49 -19.89 1.28
N GLY A 317 2.01 -20.95 0.65
CA GLY A 317 1.76 -21.15 -0.77
C GLY A 317 0.49 -21.93 -1.07
N LYS A 318 -0.08 -22.57 -0.05
CA LYS A 318 -1.31 -23.34 -0.23
C LYS A 318 -2.58 -22.51 -0.20
N ASN A 319 -3.47 -22.78 -1.15
CA ASN A 319 -4.74 -22.08 -1.22
C ASN A 319 -5.65 -22.67 -0.15
N ILE A 320 -5.52 -22.17 1.08
CA ILE A 320 -6.32 -22.65 2.21
C ILE A 320 -7.81 -22.37 2.11
N THR A 321 -8.18 -21.12 1.88
CA THR A 321 -9.59 -20.77 1.82
C THR A 321 -9.95 -19.64 0.83
N GLY A 322 -9.42 -19.74 -0.39
CA GLY A 322 -9.71 -18.76 -1.41
C GLY A 322 -8.82 -17.54 -1.48
N GLU A 323 -7.85 -17.41 -0.57
CA GLU A 323 -6.98 -16.24 -0.55
C GLU A 323 -5.96 -16.13 -1.68
N LEU A 324 -5.63 -17.23 -2.33
CA LEU A 324 -4.67 -17.16 -3.41
C LEU A 324 -5.04 -17.97 -4.64
N THR A 325 -4.51 -17.53 -5.78
CA THR A 325 -4.73 -18.19 -7.06
C THR A 325 -3.45 -18.97 -7.33
N ARG A 326 -3.51 -20.30 -7.21
CA ARG A 326 -2.30 -21.13 -7.41
C ARG A 326 -1.73 -21.01 -8.82
N MET B 1 14.32 21.72 -31.76
CA MET B 1 13.93 20.79 -30.66
C MET B 1 15.08 19.83 -30.37
N ARG B 2 15.82 20.11 -29.31
CA ARG B 2 16.95 19.27 -28.92
C ARG B 2 16.53 18.51 -27.65
N ILE B 3 16.57 17.18 -27.70
CA ILE B 3 16.18 16.36 -26.56
C ILE B 3 17.29 15.46 -26.04
N LEU B 4 17.39 15.32 -24.73
CA LEU B 4 18.40 14.46 -24.12
C LEU B 4 17.70 13.29 -23.45
N ILE B 5 18.18 12.08 -23.70
CA ILE B 5 17.59 10.88 -23.09
C ILE B 5 18.65 10.15 -22.28
N LEU B 6 18.47 10.13 -20.97
CA LEU B 6 19.39 9.49 -20.04
C LEU B 6 18.88 8.12 -19.61
N GLY B 7 19.77 7.13 -19.57
CA GLY B 7 19.35 5.80 -19.15
C GLY B 7 19.72 5.51 -17.71
N MET B 8 18.83 4.83 -17.00
CA MET B 8 19.07 4.46 -15.61
C MET B 8 19.02 2.93 -15.45
N GLY B 9 18.49 2.25 -16.45
CA GLY B 9 18.37 0.81 -16.40
C GLY B 9 16.91 0.42 -16.37
N GLY B 10 16.56 -0.60 -15.61
CA GLY B 10 15.16 -1.03 -15.52
C GLY B 10 14.70 -2.05 -16.54
N THR B 11 13.45 -2.47 -16.41
CA THR B 11 12.86 -3.45 -17.31
C THR B 11 12.95 -3.03 -18.78
N ILE B 12 12.78 -1.74 -19.04
CA ILE B 12 12.84 -1.24 -20.40
C ILE B 12 14.21 -1.53 -21.04
N ALA B 13 15.21 -1.77 -20.19
CA ALA B 13 16.55 -2.05 -20.68
C ALA B 13 16.91 -3.52 -20.40
N SER B 14 15.91 -4.30 -20.02
CA SER B 14 16.13 -5.70 -19.70
C SER B 14 15.92 -6.65 -20.87
N VAL B 15 16.32 -7.89 -20.65
CA VAL B 15 16.22 -8.95 -21.64
C VAL B 15 16.33 -10.26 -20.88
N LYS B 16 15.74 -11.34 -21.39
CA LYS B 16 15.80 -12.64 -20.71
C LYS B 16 17.17 -13.32 -20.83
N GLY B 17 17.77 -13.64 -19.68
CA GLY B 17 19.06 -14.29 -19.70
C GLY B 17 19.00 -15.69 -19.11
N GLU B 18 17.88 -16.36 -19.37
CA GLU B 18 17.66 -17.72 -18.87
C GLU B 18 17.44 -17.67 -17.36
N ARG B 19 17.94 -16.61 -16.75
CA ARG B 19 17.80 -16.39 -15.32
C ARG B 19 16.77 -15.30 -15.07
N GLY B 20 15.83 -15.16 -15.99
CA GLY B 20 14.80 -14.14 -15.86
C GLY B 20 15.31 -12.87 -16.50
N TYR B 21 14.52 -11.81 -16.44
CA TYR B 21 14.93 -10.53 -17.02
C TYR B 21 16.09 -9.91 -16.25
N GLU B 22 16.98 -9.23 -16.97
CA GLU B 22 18.10 -8.54 -16.37
C GLU B 22 18.57 -7.41 -17.29
N SER B 23 18.79 -6.24 -16.71
CA SER B 23 19.20 -5.06 -17.47
C SER B 23 20.39 -5.40 -18.36
N ALA B 24 20.28 -5.08 -19.66
CA ALA B 24 21.36 -5.40 -20.59
C ALA B 24 21.50 -4.46 -21.79
N LEU B 25 20.52 -3.61 -22.02
CA LEU B 25 20.55 -2.70 -23.16
C LEU B 25 20.93 -1.26 -22.84
N SER B 26 21.63 -0.62 -23.77
CA SER B 26 21.99 0.78 -23.59
C SER B 26 20.83 1.59 -24.14
N VAL B 27 20.80 2.89 -23.84
CA VAL B 27 19.73 3.77 -24.29
C VAL B 27 19.64 3.89 -25.81
N SER B 28 20.79 3.99 -26.48
CA SER B 28 20.79 4.10 -27.93
C SER B 28 20.20 2.85 -28.58
N LYS B 29 20.50 1.70 -28.01
CA LYS B 29 19.98 0.43 -28.52
C LYS B 29 18.49 0.30 -28.20
N ILE B 30 18.06 0.90 -27.10
CA ILE B 30 16.65 0.88 -26.72
C ILE B 30 15.85 1.66 -27.74
N LEU B 31 16.36 2.82 -28.13
CA LEU B 31 15.71 3.67 -29.11
C LEU B 31 15.57 3.00 -30.47
N LYS B 32 16.61 2.27 -30.88
CA LYS B 32 16.58 1.59 -32.16
C LYS B 32 15.63 0.41 -32.13
N LEU B 33 15.67 -0.36 -31.05
CA LEU B 33 14.78 -1.52 -30.92
C LEU B 33 13.32 -1.08 -30.89
N ALA B 34 13.09 0.16 -30.48
CA ALA B 34 11.74 0.70 -30.41
C ALA B 34 11.32 1.28 -31.76
N GLY B 35 12.30 1.58 -32.60
CA GLY B 35 12.01 2.15 -33.90
C GLY B 35 11.75 3.63 -33.81
N ILE B 36 12.66 4.33 -33.15
CA ILE B 36 12.56 5.78 -32.98
C ILE B 36 13.82 6.46 -33.51
N SER B 37 13.64 7.43 -34.40
CA SER B 37 14.76 8.17 -34.97
C SER B 37 14.25 9.25 -35.93
N ALA B 40 13.73 15.79 -35.30
CA ALA B 40 14.15 16.17 -33.92
C ALA B 40 15.53 15.59 -33.55
N LYS B 41 16.33 16.37 -32.83
CA LYS B 41 17.66 15.94 -32.41
C LYS B 41 17.63 15.27 -31.04
N ILE B 42 17.90 13.97 -31.02
CA ILE B 42 17.88 13.19 -29.80
C ILE B 42 19.27 12.68 -29.45
N GLU B 43 19.78 13.11 -28.31
CA GLU B 43 21.08 12.64 -27.86
C GLU B 43 20.83 11.62 -26.75
N ALA B 44 21.35 10.41 -26.92
CA ALA B 44 21.16 9.36 -25.94
C ALA B 44 22.39 9.19 -25.07
N ARG B 45 22.17 9.03 -23.77
CA ARG B 45 23.27 8.87 -22.84
C ARG B 45 22.95 7.91 -21.70
N ASP B 46 23.90 7.04 -21.37
CA ASP B 46 23.74 6.09 -20.30
C ASP B 46 24.41 6.61 -19.03
N LEU B 47 23.65 6.77 -17.96
CA LEU B 47 24.23 7.22 -16.70
C LEU B 47 24.64 5.97 -15.96
N MET B 48 23.81 4.94 -16.09
CA MET B 48 24.04 3.66 -15.45
C MET B 48 22.98 2.72 -16.01
N ASN B 49 23.12 1.43 -15.73
CA ASN B 49 22.14 0.46 -16.19
C ASN B 49 21.90 -0.51 -15.03
N VAL B 50 21.07 -0.07 -14.11
CA VAL B 50 20.76 -0.83 -12.90
C VAL B 50 19.51 -1.69 -13.02
N ASP B 51 19.61 -2.96 -12.60
CA ASP B 51 18.49 -3.88 -12.65
C ASP B 51 17.36 -3.29 -11.83
N SER B 52 16.11 -3.61 -12.19
CA SER B 52 14.98 -3.09 -11.43
C SER B 52 15.08 -3.52 -9.97
N THR B 53 14.67 -2.60 -9.08
CA THR B 53 14.66 -2.78 -7.63
C THR B 53 16.00 -2.46 -6.95
N LEU B 54 17.03 -2.19 -7.74
CA LEU B 54 18.36 -1.92 -7.18
C LEU B 54 18.78 -0.45 -7.07
N ILE B 55 17.90 0.47 -7.47
CA ILE B 55 18.19 1.89 -7.38
C ILE B 55 18.41 2.27 -5.91
N GLN B 56 19.40 3.11 -5.64
CA GLN B 56 19.71 3.54 -4.27
C GLN B 56 19.72 5.08 -4.24
N PRO B 57 19.51 5.69 -3.06
CA PRO B 57 19.50 7.16 -2.94
C PRO B 57 20.68 7.82 -3.65
N SER B 58 21.84 7.21 -3.50
CA SER B 58 23.05 7.69 -4.13
C SER B 58 22.82 7.95 -5.62
N ASP B 59 22.01 7.11 -6.25
CA ASP B 59 21.72 7.28 -7.69
C ASP B 59 20.92 8.55 -8.00
N TRP B 60 20.14 9.04 -7.04
CA TRP B 60 19.36 10.25 -7.25
C TRP B 60 20.29 11.45 -7.37
N GLU B 61 21.34 11.43 -6.57
CA GLU B 61 22.32 12.49 -6.54
C GLU B 61 23.01 12.58 -7.89
N ARG B 62 23.51 11.44 -8.38
CA ARG B 62 24.18 11.38 -9.65
C ARG B 62 23.26 11.88 -10.75
N LEU B 63 22.00 11.46 -10.69
CA LEU B 63 21.02 11.84 -11.68
C LEU B 63 20.73 13.33 -11.64
N ALA B 64 20.52 13.84 -10.43
CA ALA B 64 20.22 15.26 -10.25
C ALA B 64 21.34 16.15 -10.78
N LYS B 65 22.58 15.80 -10.48
CA LYS B 65 23.73 16.57 -10.94
C LYS B 65 23.84 16.55 -12.45
N GLU B 66 23.50 15.41 -13.06
CA GLU B 66 23.57 15.28 -14.50
C GLU B 66 22.55 16.20 -15.18
N ILE B 67 21.31 16.14 -14.72
CA ILE B 67 20.24 16.96 -15.26
C ILE B 67 20.55 18.45 -15.06
N GLU B 68 21.06 18.76 -13.88
CA GLU B 68 21.38 20.14 -13.53
C GLU B 68 22.29 20.84 -14.52
N LYS B 69 23.27 20.11 -15.05
CA LYS B 69 24.20 20.73 -15.99
C LYS B 69 23.76 20.66 -17.44
N GLU B 70 22.62 20.05 -17.69
CA GLU B 70 22.11 19.90 -19.06
C GLU B 70 20.79 20.62 -19.22
N VAL B 71 20.20 21.02 -18.11
CA VAL B 71 18.90 21.66 -18.16
C VAL B 71 18.85 22.92 -19.03
N TRP B 72 20.01 23.57 -19.24
CA TRP B 72 20.06 24.78 -20.06
C TRP B 72 20.59 24.53 -21.47
N GLU B 73 20.83 23.26 -21.81
CA GLU B 73 21.34 22.92 -23.14
C GLU B 73 20.32 22.13 -23.96
N TYR B 74 19.19 21.78 -23.35
CA TYR B 74 18.17 21.00 -24.03
C TYR B 74 16.79 21.55 -23.76
N ASP B 75 15.86 21.23 -24.64
CA ASP B 75 14.49 21.69 -24.50
C ASP B 75 13.67 20.69 -23.72
N GLY B 76 14.22 19.50 -23.53
CA GLY B 76 13.50 18.48 -22.79
C GLY B 76 14.43 17.35 -22.48
N ILE B 77 14.12 16.61 -21.42
CA ILE B 77 14.93 15.48 -20.99
C ILE B 77 14.00 14.32 -20.69
N VAL B 78 14.35 13.14 -21.18
CA VAL B 78 13.58 11.93 -20.93
C VAL B 78 14.54 10.99 -20.20
N ILE B 79 14.02 10.26 -19.21
CA ILE B 79 14.82 9.35 -18.43
C ILE B 79 14.19 7.98 -18.45
N THR B 80 14.92 6.97 -18.93
CA THR B 80 14.40 5.62 -18.95
C THR B 80 14.78 5.04 -17.59
N HIS B 81 13.79 4.55 -16.86
CA HIS B 81 14.01 4.08 -15.51
C HIS B 81 13.26 2.78 -15.20
N GLY B 82 13.64 2.10 -14.13
CA GLY B 82 12.91 0.90 -13.75
C GLY B 82 11.59 1.38 -13.15
N THR B 83 10.52 0.60 -13.25
CA THR B 83 9.24 1.03 -12.71
C THR B 83 9.14 0.98 -11.19
N ASP B 84 9.76 -0.02 -10.58
CA ASP B 84 9.72 -0.22 -9.14
C ASP B 84 10.03 1.02 -8.32
N THR B 85 11.05 1.77 -8.71
CA THR B 85 11.42 2.97 -7.96
C THR B 85 11.27 4.27 -8.73
N MET B 86 10.55 4.24 -9.85
CA MET B 86 10.36 5.44 -10.66
C MET B 86 9.72 6.62 -9.89
N ALA B 87 8.67 6.34 -9.12
CA ALA B 87 8.01 7.39 -8.36
C ALA B 87 8.95 7.99 -7.31
N TYR B 88 9.85 7.19 -6.77
CA TYR B 88 10.81 7.68 -5.77
C TYR B 88 11.77 8.67 -6.40
N SER B 89 12.32 8.31 -7.56
CA SER B 89 13.24 9.17 -8.28
C SER B 89 12.59 10.47 -8.72
N ALA B 90 11.40 10.37 -9.31
CA ALA B 90 10.68 11.54 -9.78
C ALA B 90 10.43 12.54 -8.64
N SER B 91 9.98 12.00 -7.51
CA SER B 91 9.71 12.82 -6.33
C SER B 91 10.98 13.45 -5.78
N MET B 92 12.03 12.65 -5.58
CA MET B 92 13.27 13.20 -5.06
C MET B 92 13.85 14.27 -5.97
N LEU B 93 13.76 14.07 -7.29
CA LEU B 93 14.28 15.05 -8.23
C LEU B 93 13.45 16.34 -8.12
N SER B 94 12.16 16.19 -7.87
CA SER B 94 11.30 17.35 -7.75
C SER B 94 11.71 18.21 -6.56
N PHE B 95 12.13 17.58 -5.47
CA PHE B 95 12.56 18.34 -4.33
C PHE B 95 13.96 18.92 -4.52
N MET B 96 14.84 18.19 -5.20
CA MET B 96 16.22 18.64 -5.42
C MET B 96 16.38 19.69 -6.52
N LEU B 97 15.58 19.57 -7.58
CA LEU B 97 15.66 20.50 -8.71
C LEU B 97 14.36 21.25 -8.83
N ARG B 98 14.23 22.32 -8.05
CA ARG B 98 13.01 23.09 -8.08
C ARG B 98 12.95 24.14 -9.18
N ASN B 99 11.74 24.30 -9.73
CA ASN B 99 11.47 25.22 -10.81
C ASN B 99 12.33 24.90 -12.02
N PRO B 100 12.31 23.63 -12.49
CA PRO B 100 13.12 23.29 -13.67
C PRO B 100 12.64 24.13 -14.85
N PRO B 101 13.56 24.54 -15.73
CA PRO B 101 13.19 25.36 -16.88
C PRO B 101 12.55 24.60 -18.03
N ILE B 102 12.79 23.30 -18.06
CA ILE B 102 12.30 22.46 -19.13
C ILE B 102 11.52 21.24 -18.65
N PRO B 103 10.88 20.52 -19.58
CA PRO B 103 10.12 19.33 -19.21
C PRO B 103 11.10 18.19 -19.00
N ILE B 104 11.00 17.53 -17.86
CA ILE B 104 11.85 16.40 -17.54
C ILE B 104 10.87 15.25 -17.29
N VAL B 105 10.91 14.22 -18.11
CA VAL B 105 9.97 13.13 -17.92
C VAL B 105 10.59 11.75 -17.79
N LEU B 106 10.19 11.03 -16.75
CA LEU B 106 10.68 9.68 -16.52
C LEU B 106 9.67 8.70 -17.10
N THR B 107 10.19 7.62 -17.65
CA THR B 107 9.34 6.58 -18.23
C THR B 107 10.08 5.24 -18.20
N GLY B 108 9.35 4.17 -18.49
CA GLY B 108 9.93 2.85 -18.50
C GLY B 108 8.91 1.90 -19.11
N SER B 109 8.88 0.66 -18.66
CA SER B 109 7.91 -0.30 -19.19
C SER B 109 7.71 -1.52 -18.27
N MET B 110 6.62 -2.24 -18.49
CA MET B 110 6.31 -3.43 -17.70
C MET B 110 6.91 -4.65 -18.36
N LEU B 111 7.16 -4.55 -19.66
CA LEU B 111 7.75 -5.65 -20.41
C LEU B 111 8.92 -5.12 -21.21
N PRO B 112 10.01 -5.91 -21.32
CA PRO B 112 11.17 -5.45 -22.09
C PRO B 112 10.80 -5.31 -23.56
N ILE B 113 11.54 -4.48 -24.28
CA ILE B 113 11.29 -4.23 -25.69
C ILE B 113 11.33 -5.50 -26.53
N THR B 114 11.97 -6.54 -26.00
CA THR B 114 12.08 -7.81 -26.74
C THR B 114 10.84 -8.67 -26.75
N GLU B 115 9.98 -8.53 -25.73
CA GLU B 115 8.76 -9.33 -25.67
C GLU B 115 7.69 -8.72 -26.56
N LYS B 116 6.78 -9.55 -27.06
CA LYS B 116 5.72 -9.07 -27.93
C LYS B 116 4.69 -8.29 -27.11
N ASN B 117 4.02 -7.35 -27.75
CA ASN B 117 3.01 -6.56 -27.05
C ASN B 117 3.67 -5.73 -25.95
N SER B 118 4.96 -5.43 -26.14
CA SER B 118 5.67 -4.63 -25.16
C SER B 118 5.13 -3.20 -25.18
N ASP B 119 5.15 -2.57 -24.02
CA ASP B 119 4.66 -1.21 -23.90
C ASP B 119 5.77 -0.18 -23.99
N ALA B 120 7.01 -0.64 -24.14
CA ALA B 120 8.16 0.26 -24.22
C ALA B 120 8.10 1.32 -25.32
N PRO B 121 7.88 0.91 -26.59
CA PRO B 121 7.82 1.90 -27.67
C PRO B 121 6.76 2.96 -27.42
N PHE B 122 5.59 2.50 -27.01
CA PHE B 122 4.47 3.40 -26.73
C PHE B 122 4.85 4.44 -25.65
N ASN B 123 5.46 3.98 -24.56
CA ASN B 123 5.85 4.88 -23.48
C ASN B 123 6.96 5.84 -23.91
N LEU B 124 7.91 5.35 -24.72
CA LEU B 124 8.98 6.21 -25.20
C LEU B 124 8.37 7.27 -26.09
N ARG B 125 7.48 6.84 -26.98
CA ARG B 125 6.83 7.75 -27.89
C ARG B 125 6.04 8.83 -27.15
N THR B 126 5.29 8.43 -26.12
CA THR B 126 4.50 9.37 -25.35
C THR B 126 5.34 10.39 -24.59
N ALA B 127 6.45 9.92 -24.01
CA ALA B 127 7.34 10.81 -23.29
C ALA B 127 7.89 11.85 -24.26
N LEU B 128 8.37 11.39 -25.42
CA LEU B 128 8.93 12.31 -26.43
C LEU B 128 7.88 13.28 -26.96
N GLU B 129 6.66 12.79 -27.08
CA GLU B 129 5.57 13.64 -27.57
C GLU B 129 5.29 14.74 -26.57
N PHE B 130 5.28 14.39 -25.28
CA PHE B 130 5.01 15.35 -24.23
C PHE B 130 6.14 16.38 -24.10
N VAL B 131 7.38 15.92 -24.19
CA VAL B 131 8.53 16.80 -24.07
C VAL B 131 8.57 17.88 -25.14
N LYS B 132 7.89 17.65 -26.25
CA LYS B 132 7.85 18.65 -27.32
C LYS B 132 6.77 19.70 -27.09
N LEU B 133 5.93 19.50 -26.08
CA LEU B 133 4.85 20.42 -25.75
C LEU B 133 5.30 21.61 -24.89
N GLY B 134 6.53 21.58 -24.41
CA GLY B 134 7.04 22.69 -23.62
C GLY B 134 6.41 22.99 -22.27
N ILE B 135 5.92 21.98 -21.56
CA ILE B 135 5.34 22.23 -20.24
C ILE B 135 6.39 21.80 -19.22
N ARG B 136 7.09 22.78 -18.66
CA ARG B 136 8.13 22.49 -17.68
C ARG B 136 7.62 21.80 -16.41
N GLY B 137 8.54 21.09 -15.75
CA GLY B 137 8.23 20.36 -14.55
C GLY B 137 8.79 18.96 -14.67
N ILE B 138 8.64 18.17 -13.62
CA ILE B 138 9.14 16.79 -13.63
C ILE B 138 7.93 15.87 -13.65
N TYR B 139 7.87 15.00 -14.65
CA TYR B 139 6.73 14.10 -14.79
C TYR B 139 7.08 12.65 -15.06
N ILE B 140 6.04 11.84 -15.10
CA ILE B 140 6.14 10.42 -15.40
C ILE B 140 5.15 10.15 -16.55
N ALA B 141 5.65 9.54 -17.62
CA ALA B 141 4.80 9.21 -18.76
C ALA B 141 4.62 7.70 -18.79
N PHE B 142 3.37 7.24 -18.69
CA PHE B 142 3.13 5.81 -18.69
C PHE B 142 1.71 5.45 -19.19
N ASN B 143 1.64 4.42 -20.03
CA ASN B 143 0.39 3.92 -20.59
C ASN B 143 -0.51 5.03 -21.12
N GLY B 144 0.03 5.90 -21.95
CA GLY B 144 -0.74 6.98 -22.54
C GLY B 144 -1.07 8.20 -21.69
N LYS B 145 -0.48 8.30 -20.51
CA LYS B 145 -0.74 9.43 -19.62
C LYS B 145 0.55 10.10 -19.14
N VAL B 146 0.45 11.39 -18.83
CA VAL B 146 1.58 12.10 -18.29
C VAL B 146 1.10 12.64 -16.95
N MET B 147 1.77 12.21 -15.88
CA MET B 147 1.42 12.60 -14.52
C MET B 147 2.55 13.38 -13.86
N LEU B 148 2.21 14.28 -12.95
CA LEU B 148 3.21 15.05 -12.21
C LEU B 148 3.94 14.01 -11.36
N GLY B 149 5.25 13.94 -11.51
CA GLY B 149 6.03 12.94 -10.78
C GLY B 149 5.74 12.80 -9.29
N VAL B 150 5.62 13.93 -8.62
CA VAL B 150 5.40 13.94 -7.19
C VAL B 150 3.98 13.50 -6.81
N ARG B 151 3.16 13.18 -7.80
CA ARG B 151 1.79 12.75 -7.55
C ARG B 151 1.53 11.35 -8.09
N ALA B 152 2.57 10.75 -8.65
CA ALA B 152 2.45 9.42 -9.22
C ALA B 152 2.76 8.31 -8.23
N SER B 153 2.04 7.20 -8.35
CA SER B 153 2.26 6.05 -7.51
C SER B 153 2.05 4.79 -8.34
N LYS B 154 2.86 3.77 -8.06
CA LYS B 154 2.72 2.52 -8.77
C LYS B 154 1.69 1.69 -8.01
N ILE B 155 0.55 1.45 -8.63
CA ILE B 155 -0.51 0.69 -7.97
C ILE B 155 -0.63 -0.72 -8.51
N ARG B 156 0.06 -1.00 -9.62
CA ARG B 156 0.05 -2.31 -10.25
C ARG B 156 1.47 -2.83 -10.42
N SER B 157 1.67 -4.13 -10.24
CA SER B 157 3.01 -4.71 -10.39
C SER B 157 3.18 -5.49 -11.70
N MET B 158 2.10 -5.63 -12.46
CA MET B 158 2.17 -6.38 -13.71
C MET B 158 1.46 -5.74 -14.91
N GLY B 159 0.22 -5.31 -14.72
CA GLY B 159 -0.52 -4.69 -15.81
C GLY B 159 0.10 -3.42 -16.38
N PHE B 160 -0.21 -3.13 -17.63
CA PHE B 160 0.32 -1.95 -18.32
C PHE B 160 -0.03 -0.60 -17.67
N ASP B 161 -1.16 -0.52 -16.98
CA ASP B 161 -1.55 0.73 -16.34
C ASP B 161 -1.06 0.72 -14.89
N ALA B 162 0.26 0.61 -14.74
CA ALA B 162 0.89 0.54 -13.43
C ALA B 162 0.97 1.82 -12.61
N PHE B 163 0.86 2.97 -13.27
CA PHE B 163 0.96 4.25 -12.58
C PHE B 163 -0.30 5.07 -12.62
N GLU B 164 -0.58 5.73 -11.51
CA GLU B 164 -1.76 6.56 -11.45
C GLU B 164 -1.49 7.83 -10.66
N SER B 165 -2.09 8.93 -11.12
CA SER B 165 -1.95 10.21 -10.45
C SER B 165 -2.95 10.19 -9.29
N ILE B 166 -2.44 10.08 -8.08
CA ILE B 166 -3.26 9.99 -6.89
C ILE B 166 -3.64 11.32 -6.24
N ASN B 167 -4.95 11.54 -6.11
CA ASN B 167 -5.49 12.75 -5.50
C ASN B 167 -5.13 14.01 -6.27
N TYR B 168 -4.86 13.86 -7.56
CA TYR B 168 -4.49 14.97 -8.41
C TYR B 168 -4.78 14.53 -9.85
N PRO B 169 -5.20 15.46 -10.72
CA PRO B 169 -5.49 15.08 -12.10
C PRO B 169 -4.32 14.96 -13.06
N ASN B 170 -4.46 14.05 -14.02
CA ASN B 170 -3.45 13.80 -15.04
C ASN B 170 -3.10 15.13 -15.72
N VAL B 171 -1.84 15.27 -16.14
CA VAL B 171 -1.42 16.49 -16.81
C VAL B 171 -1.68 16.42 -18.31
N ALA B 172 -1.60 15.21 -18.86
CA ALA B 172 -1.83 15.01 -20.29
C ALA B 172 -2.32 13.59 -20.56
N GLU B 173 -3.16 13.44 -21.58
CA GLU B 173 -3.68 12.14 -21.96
C GLU B 173 -3.76 12.03 -23.47
N ILE B 174 -3.71 10.81 -23.98
CA ILE B 174 -3.82 10.58 -25.42
C ILE B 174 -5.29 10.40 -25.79
N LYS B 175 -5.77 11.24 -26.70
CA LYS B 175 -7.14 11.18 -27.17
C LYS B 175 -7.16 11.37 -28.68
N ASP B 176 -7.73 10.40 -29.37
CA ASP B 176 -7.81 10.46 -30.83
C ASP B 176 -6.39 10.44 -31.40
N ASP B 177 -5.58 9.55 -30.82
CA ASP B 177 -4.19 9.34 -31.21
C ASP B 177 -3.29 10.57 -31.09
N LYS B 178 -3.53 11.40 -30.08
CA LYS B 178 -2.71 12.58 -29.87
C LYS B 178 -2.68 13.00 -28.39
N LEU B 179 -1.54 13.51 -27.96
CA LEU B 179 -1.37 13.94 -26.57
C LEU B 179 -2.08 15.26 -26.34
N ARG B 180 -3.14 15.21 -25.54
CA ARG B 180 -3.92 16.40 -25.21
C ARG B 180 -3.58 16.84 -23.79
N ILE B 181 -3.32 18.13 -23.61
CA ILE B 181 -3.00 18.67 -22.30
C ILE B 181 -4.30 18.93 -21.54
N LEU B 182 -4.41 18.37 -20.33
CA LEU B 182 -5.62 18.54 -19.53
C LEU B 182 -5.55 19.76 -18.62
N HIS B 183 -4.35 20.08 -18.17
CA HIS B 183 -4.17 21.24 -17.30
C HIS B 183 -2.68 21.41 -17.07
N ILE B 184 -2.24 22.66 -16.95
CA ILE B 184 -0.84 22.94 -16.76
C ILE B 184 -0.53 23.22 -15.30
N PRO B 185 0.33 22.40 -14.67
CA PRO B 185 0.68 22.64 -13.26
C PRO B 185 1.30 24.03 -13.15
N ASP B 186 0.77 24.85 -12.24
CA ASP B 186 1.22 26.23 -12.10
C ASP B 186 1.76 26.67 -10.74
N PHE B 187 2.66 25.90 -10.15
CA PHE B 187 3.19 26.29 -8.84
C PHE B 187 4.68 26.53 -8.91
N TYR B 188 5.20 26.70 -10.13
CA TYR B 188 6.62 26.92 -10.30
C TYR B 188 6.98 28.40 -10.30
N GLY B 189 8.10 28.70 -9.65
CA GLY B 189 8.59 30.06 -9.55
C GLY B 189 9.52 30.38 -10.70
N ASP B 190 10.32 31.43 -10.53
CA ASP B 190 11.24 31.85 -11.58
C ASP B 190 12.61 31.21 -11.46
N GLU B 191 13.21 31.32 -10.28
CA GLU B 191 14.54 30.78 -10.05
C GLU B 191 14.64 29.27 -9.98
N PHE B 192 15.57 28.72 -10.75
CA PHE B 192 15.82 27.30 -10.75
C PHE B 192 16.96 27.03 -9.77
N PHE B 193 16.68 26.36 -8.66
CA PHE B 193 17.75 26.06 -7.71
C PHE B 193 17.89 24.58 -7.42
N SER B 194 19.11 24.12 -7.24
CA SER B 194 19.36 22.72 -6.95
C SER B 194 19.84 22.51 -5.52
N ASP B 195 19.12 21.66 -4.81
CA ASP B 195 19.45 21.33 -3.43
C ASP B 195 19.62 19.81 -3.38
N ILE B 196 20.75 19.34 -3.89
CA ILE B 196 21.01 17.90 -3.92
C ILE B 196 21.57 17.45 -2.59
N LYS B 197 20.74 17.52 -1.56
CA LYS B 197 21.14 17.17 -0.21
C LYS B 197 20.00 16.43 0.47
N TYR B 198 20.31 15.33 1.15
CA TYR B 198 19.26 14.55 1.80
C TYR B 198 19.85 13.60 2.83
N GLU B 199 18.96 12.98 3.60
CA GLU B 199 19.30 12.02 4.64
C GLU B 199 18.50 10.77 4.29
N PRO B 200 19.15 9.74 3.74
CA PRO B 200 18.50 8.49 3.35
C PRO B 200 18.01 7.53 4.42
N LYS B 201 18.57 7.60 5.63
CA LYS B 201 18.18 6.65 6.66
C LYS B 201 16.89 6.89 7.44
N VAL B 202 15.76 6.58 6.80
CA VAL B 202 14.46 6.68 7.45
C VAL B 202 13.87 5.28 7.38
N LEU B 203 12.89 4.99 8.24
CA LEU B 203 12.26 3.69 8.29
C LEU B 203 10.76 3.80 8.09
N VAL B 204 10.20 2.91 7.28
CA VAL B 204 8.76 2.88 7.02
C VAL B 204 8.19 1.57 7.57
N ILE B 205 7.35 1.69 8.59
CA ILE B 205 6.72 0.54 9.22
C ILE B 205 5.21 0.60 9.00
N LYS B 206 4.61 -0.56 8.76
CA LYS B 206 3.18 -0.63 8.54
C LYS B 206 2.55 -0.92 9.89
N LEU B 207 1.46 -0.25 10.20
CA LEU B 207 0.78 -0.48 11.44
C LEU B 207 -0.12 -1.71 11.32
N ILE B 208 0.09 -2.70 12.16
CA ILE B 208 -0.76 -3.89 12.14
C ILE B 208 -1.30 -4.10 13.56
N PRO B 209 -2.47 -4.72 13.68
CA PRO B 209 -3.02 -4.94 15.03
C PRO B 209 -2.07 -5.74 15.91
N GLY B 210 -1.81 -5.22 17.12
CA GLY B 210 -0.92 -5.87 18.07
C GLY B 210 0.52 -5.37 18.02
N LEU B 211 0.84 -4.56 17.02
CA LEU B 211 2.19 -4.04 16.87
C LEU B 211 2.69 -3.31 18.12
N SER B 212 3.90 -3.65 18.54
CA SER B 212 4.52 -3.03 19.71
C SER B 212 5.47 -1.89 19.33
N GLY B 213 5.85 -1.08 20.33
CA GLY B 213 6.75 0.02 20.07
C GLY B 213 8.22 -0.34 20.17
N ASP B 214 8.51 -1.57 20.56
CA ASP B 214 9.89 -2.02 20.70
C ASP B 214 10.72 -1.82 19.42
N ILE B 215 10.10 -2.07 18.26
CA ILE B 215 10.77 -1.90 16.99
C ILE B 215 11.07 -0.43 16.72
N VAL B 216 10.17 0.44 17.17
CA VAL B 216 10.36 1.89 16.99
C VAL B 216 11.53 2.36 17.85
N ARG B 217 11.57 1.89 19.09
CA ARG B 217 12.65 2.27 19.99
C ARG B 217 13.98 1.76 19.42
N GLU B 218 13.96 0.56 18.84
CA GLU B 218 15.14 -0.04 18.27
C GLU B 218 15.62 0.72 17.03
N ALA B 219 14.68 1.27 16.28
CA ALA B 219 15.01 2.03 15.07
C ALA B 219 15.78 3.30 15.45
N LEU B 220 15.39 3.92 16.56
CA LEU B 220 16.07 5.12 17.02
C LEU B 220 17.50 4.75 17.41
N ARG B 221 17.64 3.62 18.11
CA ARG B 221 18.97 3.18 18.54
C ARG B 221 19.85 2.82 17.35
N LEU B 222 19.25 2.20 16.32
CA LEU B 222 20.03 1.84 15.13
C LEU B 222 20.52 3.07 14.41
N GLY B 223 19.94 4.23 14.74
CA GLY B 223 20.36 5.45 14.07
C GLY B 223 19.47 5.99 12.95
N TYR B 224 18.22 5.53 12.85
CA TYR B 224 17.32 6.06 11.84
C TYR B 224 16.98 7.52 12.24
N LYS B 225 17.09 8.44 11.29
CA LYS B 225 16.86 9.86 11.57
C LYS B 225 15.41 10.30 11.45
N GLY B 226 14.56 9.38 10.99
CA GLY B 226 13.15 9.66 10.82
C GLY B 226 12.39 8.36 10.65
N ILE B 227 11.08 8.39 10.93
CA ILE B 227 10.25 7.20 10.82
C ILE B 227 8.89 7.55 10.25
N ILE B 228 8.38 6.66 9.40
CA ILE B 228 7.08 6.84 8.79
C ILE B 228 6.24 5.62 9.16
N LEU B 229 5.09 5.86 9.79
CA LEU B 229 4.19 4.80 10.17
C LEU B 229 3.04 4.76 9.16
N GLU B 230 2.78 3.60 8.56
CA GLU B 230 1.69 3.46 7.59
C GLU B 230 0.48 3.00 8.39
N GLY B 231 -0.37 3.94 8.78
CA GLY B 231 -1.55 3.61 9.57
C GLY B 231 -2.79 3.21 8.80
N TYR B 232 -3.92 3.17 9.50
CA TYR B 232 -5.18 2.79 8.87
C TYR B 232 -5.99 4.03 8.52
N GLY B 233 -7.09 3.81 7.80
CA GLY B 233 -7.98 4.88 7.41
C GLY B 233 -7.39 6.28 7.42
N VAL B 234 -8.08 7.21 8.08
CA VAL B 234 -7.64 8.59 8.12
C VAL B 234 -6.44 8.84 9.03
N GLY B 235 -6.03 7.84 9.79
CA GLY B 235 -4.88 8.01 10.66
C GLY B 235 -5.15 7.94 12.14
N GLY B 236 -4.18 7.42 12.88
CA GLY B 236 -4.32 7.29 14.32
C GLY B 236 -3.42 6.17 14.82
N ILE B 237 -2.85 6.35 16.02
CA ILE B 237 -1.98 5.32 16.58
C ILE B 237 -2.72 4.55 17.66
N PRO B 238 -2.59 3.23 17.68
CA PRO B 238 -3.27 2.43 18.70
C PRO B 238 -2.68 2.65 20.09
N TYR B 239 -3.52 2.95 21.07
CA TYR B 239 -3.07 3.15 22.44
C TYR B 239 -3.67 2.08 23.34
N ARG B 240 -4.16 0.99 22.74
CA ARG B 240 -4.79 -0.09 23.48
C ARG B 240 -4.05 -1.41 23.36
N GLY B 241 -3.80 -2.05 24.49
CA GLY B 241 -3.13 -3.34 24.52
C GLY B 241 -1.68 -3.35 24.13
N THR B 242 -1.15 -2.22 23.68
CA THR B 242 0.25 -2.16 23.29
C THR B 242 0.88 -0.90 23.83
N ASP B 243 2.21 -0.85 23.80
CA ASP B 243 2.95 0.30 24.27
C ASP B 243 3.39 1.13 23.07
N LEU B 244 2.78 0.88 21.92
CA LEU B 244 3.14 1.61 20.69
C LEU B 244 3.02 3.10 20.92
N PHE B 245 1.84 3.52 21.38
CA PHE B 245 1.58 4.92 21.62
C PHE B 245 2.56 5.59 22.59
N GLU B 246 2.75 5.02 23.77
CA GLU B 246 3.68 5.61 24.74
C GLU B 246 5.09 5.70 24.18
N VAL B 247 5.51 4.71 23.41
CA VAL B 247 6.84 4.73 22.83
C VAL B 247 6.95 5.82 21.76
N VAL B 248 5.91 5.96 20.93
CA VAL B 248 5.93 7.00 19.90
C VAL B 248 5.94 8.39 20.51
N SER B 249 5.16 8.57 21.57
CA SER B 249 5.09 9.85 22.26
C SER B 249 6.46 10.32 22.71
N SER B 250 7.37 9.37 22.90
CA SER B 250 8.72 9.67 23.35
C SER B 250 9.70 9.81 22.20
N ILE B 251 9.66 8.88 21.25
CA ILE B 251 10.57 8.92 20.10
C ILE B 251 10.30 10.15 19.22
N SER B 252 9.04 10.52 19.08
CA SER B 252 8.65 11.67 18.25
C SER B 252 9.22 13.02 18.72
N LYS B 253 9.88 13.04 19.87
CA LYS B 253 10.45 14.29 20.35
C LYS B 253 11.92 14.35 20.00
N ARG B 254 12.48 13.19 19.66
CA ARG B 254 13.88 13.11 19.26
C ARG B 254 13.98 13.11 17.72
N ILE B 255 13.17 12.28 17.06
CA ILE B 255 13.17 12.24 15.60
C ILE B 255 11.76 12.40 15.08
N PRO B 256 11.61 12.85 13.83
CA PRO B 256 10.26 13.00 13.31
C PRO B 256 9.60 11.66 13.03
N VAL B 257 8.36 11.54 13.48
CA VAL B 257 7.55 10.34 13.28
C VAL B 257 6.36 10.78 12.44
N VAL B 258 6.36 10.40 11.17
CA VAL B 258 5.29 10.79 10.25
C VAL B 258 4.22 9.73 10.11
N LEU B 259 2.96 10.15 10.17
CA LEU B 259 1.86 9.22 10.02
C LEU B 259 1.26 9.34 8.62
N THR B 260 1.21 8.22 7.91
CA THR B 260 0.65 8.19 6.55
C THR B 260 -0.42 7.11 6.54
N THR B 261 -1.03 6.86 5.39
CA THR B 261 -2.12 5.87 5.27
C THR B 261 -1.73 4.60 4.54
N GLN B 262 -2.38 3.49 4.92
CA GLN B 262 -2.18 2.20 4.29
C GLN B 262 -3.02 2.22 3.01
N ALA B 263 -3.99 3.13 2.98
CA ALA B 263 -4.87 3.26 1.82
C ALA B 263 -4.12 3.93 0.70
N ILE B 264 -4.65 3.82 -0.52
CA ILE B 264 -4.01 4.40 -1.68
C ILE B 264 -4.57 5.78 -2.02
N TYR B 265 -5.86 5.97 -1.76
CA TYR B 265 -6.54 7.23 -2.07
C TYR B 265 -7.06 7.96 -0.85
N ASP B 266 -7.20 9.29 -0.97
CA ASP B 266 -7.73 10.19 0.05
C ASP B 266 -6.76 10.68 1.14
N GLY B 267 -5.74 9.89 1.46
CA GLY B 267 -4.78 10.32 2.45
C GLY B 267 -5.16 10.36 3.91
N VAL B 268 -4.44 11.19 4.66
CA VAL B 268 -4.64 11.33 6.09
C VAL B 268 -5.29 12.64 6.54
N ASP B 269 -5.97 12.57 7.69
CA ASP B 269 -6.61 13.71 8.35
C ASP B 269 -6.71 13.33 9.82
N LEU B 270 -5.70 13.72 10.59
CA LEU B 270 -5.65 13.40 12.00
C LEU B 270 -6.65 14.12 12.87
N GLN B 271 -7.46 14.98 12.27
CA GLN B 271 -8.46 15.73 13.02
C GLN B 271 -9.78 14.97 13.15
N ARG B 272 -10.04 14.07 12.21
CA ARG B 272 -11.27 13.30 12.16
C ARG B 272 -11.70 12.51 13.42
N TYR B 273 -10.91 11.54 13.83
CA TYR B 273 -11.24 10.71 15.00
C TYR B 273 -10.44 11.04 16.26
N LYS B 274 -10.89 10.51 17.39
CA LYS B 274 -10.24 10.74 18.67
C LYS B 274 -8.81 10.20 18.65
N VAL B 275 -8.63 9.00 18.11
CA VAL B 275 -7.31 8.40 18.04
C VAL B 275 -6.38 9.32 17.24
N GLY B 276 -6.94 9.97 16.22
CA GLY B 276 -6.15 10.88 15.41
C GLY B 276 -5.67 12.06 16.23
N ARG B 277 -6.57 12.65 17.00
CA ARG B 277 -6.24 13.80 17.83
C ARG B 277 -5.21 13.42 18.88
N ILE B 278 -5.38 12.23 19.46
CA ILE B 278 -4.43 11.76 20.46
C ILE B 278 -3.06 11.61 19.79
N ALA B 279 -3.05 11.00 18.62
CA ALA B 279 -1.81 10.81 17.86
C ALA B 279 -1.15 12.15 17.58
N LEU B 280 -1.96 13.14 17.22
CA LEU B 280 -1.44 14.46 16.91
C LEU B 280 -0.77 15.05 18.17
N GLU B 281 -1.29 14.69 19.33
CA GLU B 281 -0.77 15.16 20.61
C GLU B 281 0.58 14.51 20.90
N ALA B 282 0.69 13.22 20.63
CA ALA B 282 1.94 12.49 20.86
C ALA B 282 3.09 13.11 20.09
N GLY B 283 2.76 13.85 19.02
CA GLY B 283 3.79 14.49 18.22
C GLY B 283 3.96 13.95 16.82
N VAL B 284 3.08 13.06 16.38
CA VAL B 284 3.16 12.51 15.03
C VAL B 284 2.89 13.63 14.00
N ILE B 285 3.62 13.59 12.88
CA ILE B 285 3.48 14.57 11.81
C ILE B 285 2.59 14.01 10.69
N PRO B 286 1.54 14.74 10.30
CA PRO B 286 0.62 14.30 9.23
C PRO B 286 1.24 14.36 7.84
N ALA B 287 0.86 13.43 6.98
CA ALA B 287 1.40 13.39 5.62
C ALA B 287 0.42 13.96 4.60
N GLY B 288 -0.74 14.41 5.08
CA GLY B 288 -1.74 14.98 4.19
C GLY B 288 -2.17 14.01 3.11
N ASP B 289 -2.31 14.50 1.88
CA ASP B 289 -2.72 13.62 0.79
C ASP B 289 -1.56 13.21 -0.11
N MET B 290 -0.34 13.40 0.38
CA MET B 290 0.87 13.06 -0.36
C MET B 290 0.95 11.57 -0.64
N THR B 291 1.62 11.22 -1.74
CA THR B 291 1.81 9.81 -2.10
C THR B 291 2.85 9.25 -1.14
N LYS B 292 2.91 7.93 -0.98
CA LYS B 292 3.90 7.32 -0.09
C LYS B 292 5.30 7.74 -0.56
N GLU B 293 5.53 7.62 -1.86
CA GLU B 293 6.84 7.98 -2.43
C GLU B 293 7.22 9.44 -2.19
N ALA B 294 6.30 10.36 -2.45
CA ALA B 294 6.59 11.76 -2.22
C ALA B 294 6.90 11.97 -0.73
N THR B 295 6.10 11.33 0.14
CA THR B 295 6.26 11.45 1.59
C THR B 295 7.64 11.01 2.04
N ILE B 296 8.00 9.80 1.64
CA ILE B 296 9.27 9.23 2.03
C ILE B 296 10.45 10.08 1.55
N THR B 297 10.46 10.44 0.26
CA THR B 297 11.54 11.23 -0.29
C THR B 297 11.59 12.66 0.27
N LYS B 298 10.43 13.21 0.57
CA LYS B 298 10.37 14.57 1.14
C LYS B 298 11.04 14.57 2.52
N LEU B 299 10.66 13.60 3.35
CA LEU B 299 11.24 13.51 4.68
C LEU B 299 12.76 13.36 4.56
N MET B 300 13.22 12.52 3.64
CA MET B 300 14.66 12.32 3.45
C MET B 300 15.32 13.65 3.09
N TRP B 301 14.70 14.34 2.12
CA TRP B 301 15.21 15.62 1.64
C TRP B 301 15.25 16.64 2.76
N ILE B 302 14.15 16.76 3.50
CA ILE B 302 14.09 17.69 4.62
C ILE B 302 15.16 17.35 5.66
N LEU B 303 15.27 16.08 6.02
CA LEU B 303 16.27 15.67 7.01
C LEU B 303 17.69 16.00 6.54
N GLY B 304 17.85 16.35 5.29
CA GLY B 304 19.17 16.70 4.80
C GLY B 304 19.48 18.15 5.06
N HIS B 305 18.47 18.90 5.50
CA HIS B 305 18.64 20.33 5.76
C HIS B 305 18.43 20.70 7.21
N THR B 306 17.60 19.93 7.92
CA THR B 306 17.33 20.22 9.31
C THR B 306 16.90 18.97 10.06
N LYS B 307 17.14 18.97 11.38
CA LYS B 307 16.75 17.84 12.21
C LYS B 307 15.90 18.32 13.39
N ASN B 308 15.40 19.54 13.28
CA ASN B 308 14.53 20.11 14.31
C ASN B 308 13.10 19.67 14.04
N ILE B 309 12.50 18.96 14.99
CA ILE B 309 11.14 18.46 14.83
C ILE B 309 10.16 19.50 14.31
N GLU B 310 10.17 20.68 14.93
CA GLU B 310 9.28 21.76 14.55
C GLU B 310 9.45 22.23 13.11
N GLU B 311 10.68 22.31 12.64
CA GLU B 311 10.93 22.71 11.27
C GLU B 311 10.50 21.61 10.31
N VAL B 312 10.68 20.36 10.73
CA VAL B 312 10.31 19.22 9.92
C VAL B 312 8.80 19.17 9.79
N LYS B 313 8.11 19.49 10.88
CA LYS B 313 6.65 19.47 10.88
C LYS B 313 6.07 20.51 9.92
N GLN B 314 6.65 21.71 9.93
CA GLN B 314 6.20 22.79 9.07
C GLN B 314 6.52 22.54 7.60
N LEU B 315 7.74 22.13 7.32
CA LEU B 315 8.15 21.85 5.95
C LEU B 315 7.33 20.69 5.37
N MET B 316 7.00 19.73 6.23
CA MET B 316 6.23 18.57 5.81
C MET B 316 4.82 18.97 5.40
N GLY B 317 4.25 19.96 6.08
CA GLY B 317 2.91 20.41 5.77
C GLY B 317 2.88 21.53 4.73
N LYS B 318 4.04 21.85 4.19
CA LYS B 318 4.16 22.89 3.19
C LYS B 318 4.13 22.29 1.78
N ASN B 319 3.44 22.94 0.86
CA ASN B 319 3.35 22.48 -0.52
C ASN B 319 4.54 23.07 -1.24
N ILE B 320 5.62 22.28 -1.33
CA ILE B 320 6.87 22.71 -1.95
C ILE B 320 6.91 22.65 -3.48
N THR B 321 6.39 21.58 -4.08
CA THR B 321 6.39 21.46 -5.54
C THR B 321 5.14 20.74 -6.03
N GLY B 322 4.00 21.10 -5.46
CA GLY B 322 2.76 20.48 -5.87
C GLY B 322 2.54 19.07 -5.36
N GLU B 323 3.30 18.65 -4.35
CA GLU B 323 3.10 17.30 -3.84
C GLU B 323 1.92 17.16 -2.90
N LEU B 324 1.46 18.27 -2.31
CA LEU B 324 0.33 18.16 -1.40
C LEU B 324 -0.70 19.25 -1.54
N THR B 325 -1.94 18.89 -1.23
CA THR B 325 -3.06 19.81 -1.31
C THR B 325 -3.35 20.35 0.09
N ARG B 326 -3.31 21.67 0.24
CA ARG B 326 -3.59 22.27 1.54
C ARG B 326 -5.00 22.82 1.53
C1 EDO C . -12.87 2.86 12.36
O1 EDO C . -13.79 2.38 13.33
C2 EDO C . -13.55 2.95 10.99
O2 EDO C . -14.92 2.51 11.07
C1 EDO D . -10.26 -0.96 13.95
O1 EDO D . -11.14 -0.84 12.83
C2 EDO D . -11.02 -0.65 15.26
O2 EDO D . -12.40 -0.33 15.01
C1 EDO E . -5.96 21.67 -9.08
O1 EDO E . -6.02 20.27 -8.84
C2 EDO E . -6.07 21.95 -10.60
O2 EDO E . -6.18 20.72 -11.34
C1 EDO F . 7.29 18.96 -9.47
O1 EDO F . 8.14 18.93 -10.64
C2 EDO F . 6.72 17.55 -9.12
O2 EDO F . 7.16 16.49 -10.01
C1 EDO G . -4.61 23.99 -22.03
O1 EDO G . -4.65 24.94 -20.96
C2 EDO G . -5.73 22.94 -21.85
O2 EDO G . -6.50 23.24 -20.66
#